data_1B4K
#
_entry.id   1B4K
#
_cell.length_a   128.240
_cell.length_b   128.240
_cell.length_c   86.220
_cell.angle_alpha   90.00
_cell.angle_beta   90.00
_cell.angle_gamma   90.00
#
_symmetry.space_group_name_H-M   'P 4 21 2'
#
loop_
_entity.id
_entity.type
_entity.pdbx_description
1 polymer 'PROTEIN (5-AMINOLEVULINIC ACID DEHYDRATASE)'
2 non-polymer 'SULFATE ION'
3 non-polymer 'MAGNESIUM ION'
4 non-polymer 'LAEVULINIC ACID'
5 water water
#
_entity_poly.entity_id   1
_entity_poly.type   'polypeptide(L)'
_entity_poly.pdbx_seq_one_letter_code
;MSFTPANRAYPYTRLRRNRRDDFSRRLVRENVLTVDDLILPVFVLDGVNQRESIPSMPGVERLSIDQLLIEAEEWVALGI
PALALFPVTPVEKKSLDAAEAYNPEGIAQRATRALRERFPELGIITDVALDPFTTHGQDGILDDDGYVLNDVSIDVLVRQ
ALSHAEAGAQVVAPSDMMDGRIGAIREALESAGHTNVRIMAYSAKYASAYYGPFRDAVGSASNLGKGNKATYQMDPANSD
EALHEVAADLAEGADMVMVKPGMPYLDIVRRVKDEFRAPTFVYQVSGEYAMHMGAIQNGWLAESVILESLTAFKRAGADG
ILTYFAKQAAEQLRRGR
;
_entity_poly.pdbx_strand_id   A,B
#
# COMPACT_ATOMS: atom_id res chain seq x y z
N TYR A 10 9.67 -28.09 -10.22
CA TYR A 10 11.01 -27.90 -10.75
C TYR A 10 11.82 -29.16 -10.79
N PRO A 11 12.44 -29.68 -11.80
CA PRO A 11 12.49 -29.35 -13.18
C PRO A 11 11.22 -29.53 -14.02
N TYR A 12 10.40 -30.49 -13.62
CA TYR A 12 9.13 -30.73 -14.28
C TYR A 12 8.30 -29.44 -14.25
N THR A 13 8.20 -28.84 -13.06
CA THR A 13 7.46 -27.60 -12.93
C THR A 13 8.38 -26.38 -12.76
N ARG A 14 8.62 -25.72 -13.87
CA ARG A 14 9.40 -24.49 -13.87
C ARG A 14 8.37 -23.40 -14.13
N LEU A 15 8.09 -22.55 -13.14
CA LEU A 15 7.07 -21.51 -13.29
C LEU A 15 7.53 -20.38 -14.20
N ARG A 16 8.83 -20.39 -14.51
CA ARG A 16 9.37 -19.46 -15.48
C ARG A 16 8.89 -19.84 -16.88
N ARG A 17 8.45 -21.07 -17.19
CA ARG A 17 8.06 -21.34 -18.56
C ARG A 17 6.94 -20.43 -19.05
N ASN A 18 5.83 -20.28 -18.31
CA ASN A 18 4.73 -19.43 -18.75
C ASN A 18 5.13 -17.97 -18.80
N ARG A 19 6.12 -17.60 -17.99
CA ARG A 19 6.65 -16.25 -17.99
C ARG A 19 7.61 -15.92 -19.15
N ARG A 20 8.11 -16.92 -19.84
CA ARG A 20 9.14 -16.76 -20.86
C ARG A 20 8.83 -15.73 -21.94
N ASP A 21 7.61 -15.80 -22.47
CA ASP A 21 7.19 -14.96 -23.57
C ASP A 21 5.93 -14.13 -23.27
N ASP A 22 5.83 -13.00 -23.96
CA ASP A 22 4.65 -12.14 -23.80
C ASP A 22 3.35 -12.86 -24.11
N PHE A 23 3.32 -13.69 -25.16
CA PHE A 23 2.02 -14.32 -25.47
C PHE A 23 1.55 -15.21 -24.33
N SER A 24 2.44 -15.94 -23.67
CA SER A 24 2.03 -16.90 -22.63
C SER A 24 1.74 -16.15 -21.32
N ARG A 25 2.45 -15.05 -21.11
CA ARG A 25 2.11 -14.22 -19.93
C ARG A 25 0.70 -13.65 -20.08
N ARG A 26 0.34 -13.22 -21.30
CA ARG A 26 -1.02 -12.72 -21.54
C ARG A 26 -2.06 -13.83 -21.37
N LEU A 27 -1.77 -15.03 -21.83
CA LEU A 27 -2.73 -16.13 -21.70
C LEU A 27 -3.01 -16.53 -20.26
N VAL A 28 -1.97 -16.42 -19.41
CA VAL A 28 -2.17 -16.85 -18.03
C VAL A 28 -2.45 -15.67 -17.11
N ARG A 29 -2.48 -14.45 -17.57
CA ARG A 29 -2.66 -13.25 -16.74
C ARG A 29 -3.97 -13.33 -15.96
N GLU A 30 -3.94 -13.23 -14.64
CA GLU A 30 -5.14 -13.50 -13.84
C GLU A 30 -6.12 -12.36 -13.71
N ASN A 31 -5.66 -11.12 -13.78
CA ASN A 31 -6.52 -9.96 -13.59
C ASN A 31 -6.20 -8.86 -14.58
N VAL A 32 -7.17 -8.00 -14.90
CA VAL A 32 -6.91 -6.90 -15.82
C VAL A 32 -7.63 -5.67 -15.27
N LEU A 33 -7.07 -4.49 -15.49
CA LEU A 33 -7.69 -3.23 -15.13
C LEU A 33 -8.34 -2.67 -16.41
N THR A 34 -9.58 -2.20 -16.32
CA THR A 34 -10.25 -1.61 -17.48
C THR A 34 -10.86 -0.28 -17.04
N VAL A 35 -11.33 0.54 -18.00
CA VAL A 35 -11.92 1.83 -17.58
C VAL A 35 -13.24 1.63 -16.87
N ASP A 36 -13.90 0.48 -16.98
CA ASP A 36 -15.11 0.16 -16.25
C ASP A 36 -14.87 0.19 -14.73
N ASP A 37 -13.63 0.04 -14.30
CA ASP A 37 -13.30 -0.03 -12.88
C ASP A 37 -13.02 1.34 -12.25
N LEU A 38 -13.05 2.43 -13.00
CA LEU A 38 -12.57 3.71 -12.48
C LEU A 38 -13.64 4.73 -12.10
N ILE A 39 -13.40 5.36 -10.95
CA ILE A 39 -14.28 6.44 -10.44
C ILE A 39 -13.38 7.64 -10.16
N LEU A 40 -13.66 8.82 -10.73
CA LEU A 40 -12.82 9.99 -10.46
C LEU A 40 -13.41 10.95 -9.47
N PRO A 41 -12.73 11.15 -8.33
CA PRO A 41 -13.17 12.13 -7.34
C PRO A 41 -12.78 13.54 -7.81
N VAL A 42 -13.66 14.50 -7.61
CA VAL A 42 -13.45 15.88 -8.07
C VAL A 42 -13.80 16.87 -6.98
N PHE A 43 -13.00 17.92 -6.82
CA PHE A 43 -13.22 18.96 -5.82
C PHE A 43 -13.91 20.17 -6.47
N VAL A 44 -15.10 20.51 -5.99
CA VAL A 44 -15.90 21.55 -6.67
C VAL A 44 -16.02 22.84 -5.86
N LEU A 45 -15.69 23.95 -6.56
CA LEU A 45 -15.76 25.28 -6.00
C LEU A 45 -17.07 25.99 -6.29
N ASP A 46 -17.35 27.01 -5.48
CA ASP A 46 -18.48 27.90 -5.68
C ASP A 46 -18.01 28.87 -6.78
N GLY A 47 -18.89 29.72 -7.25
CA GLY A 47 -18.47 30.72 -8.24
C GLY A 47 -18.33 30.23 -9.66
N VAL A 48 -17.81 31.14 -10.49
CA VAL A 48 -17.68 30.97 -11.92
C VAL A 48 -16.27 31.18 -12.42
N ASN A 49 -15.85 30.34 -13.36
CA ASN A 49 -14.52 30.43 -13.94
C ASN A 49 -13.40 30.39 -12.90
N GLN A 50 -13.43 29.42 -11.99
CA GLN A 50 -12.43 29.25 -10.96
C GLN A 50 -11.71 27.91 -11.09
N ARG A 51 -10.39 27.97 -10.96
CA ARG A 51 -9.53 26.79 -11.04
C ARG A 51 -8.36 27.02 -10.09
N GLU A 52 -8.19 26.12 -9.13
CA GLU A 52 -7.17 26.25 -8.12
C GLU A 52 -6.33 24.98 -7.95
N SER A 53 -5.03 25.19 -7.93
CA SER A 53 -4.09 24.11 -7.71
C SER A 53 -4.04 23.76 -6.24
N ILE A 54 -3.72 22.52 -5.93
CA ILE A 54 -3.61 22.01 -4.57
C ILE A 54 -2.17 21.54 -4.40
N PRO A 55 -1.33 22.27 -3.70
CA PRO A 55 0.08 21.93 -3.56
C PRO A 55 0.34 20.51 -3.07
N SER A 56 -0.47 19.99 -2.14
CA SER A 56 -0.22 18.63 -1.65
C SER A 56 -0.85 17.55 -2.52
N MET A 57 -1.48 17.91 -3.63
CA MET A 57 -2.00 16.94 -4.60
C MET A 57 -1.63 17.39 -6.00
N PRO A 58 -0.33 17.33 -6.35
CA PRO A 58 0.15 17.79 -7.64
C PRO A 58 -0.65 17.28 -8.82
N GLY A 59 -1.12 18.18 -9.71
CA GLY A 59 -1.87 17.76 -10.87
C GLY A 59 -3.38 17.81 -10.67
N VAL A 60 -3.85 17.95 -9.44
CA VAL A 60 -5.28 17.99 -9.16
C VAL A 60 -5.74 19.43 -8.97
N GLU A 61 -6.88 19.79 -9.54
CA GLU A 61 -7.39 21.15 -9.35
C GLU A 61 -8.78 21.18 -8.75
N ARG A 62 -9.09 22.22 -8.00
CA ARG A 62 -10.44 22.50 -7.50
C ARG A 62 -11.09 23.24 -8.69
N LEU A 63 -12.32 22.93 -9.05
CA LEU A 63 -12.96 23.53 -10.22
C LEU A 63 -14.35 24.09 -9.94
N SER A 64 -14.66 25.27 -10.52
CA SER A 64 -16.04 25.75 -10.34
C SER A 64 -16.93 24.89 -11.25
N ILE A 65 -18.24 24.92 -11.07
CA ILE A 65 -19.14 24.04 -11.87
C ILE A 65 -18.99 24.23 -13.36
N ASP A 66 -18.86 25.48 -13.85
CA ASP A 66 -18.67 25.65 -15.30
C ASP A 66 -17.42 24.97 -15.83
N GLN A 67 -16.32 25.01 -15.09
CA GLN A 67 -15.06 24.37 -15.43
C GLN A 67 -15.16 22.85 -15.30
N LEU A 68 -15.91 22.40 -14.32
CA LEU A 68 -16.16 20.96 -14.13
C LEU A 68 -16.90 20.41 -15.34
N LEU A 69 -17.94 21.12 -15.83
CA LEU A 69 -18.64 20.64 -17.02
C LEU A 69 -17.71 20.57 -18.24
N ILE A 70 -16.80 21.56 -18.38
CA ILE A 70 -15.88 21.49 -19.51
C ILE A 70 -14.95 20.30 -19.41
N GLU A 71 -14.36 20.06 -18.24
CA GLU A 71 -13.43 18.95 -18.05
C GLU A 71 -14.14 17.61 -18.16
N ALA A 72 -15.39 17.56 -17.72
CA ALA A 72 -16.17 16.32 -17.79
C ALA A 72 -16.42 15.88 -19.21
N GLU A 73 -16.39 16.79 -20.22
CA GLU A 73 -16.55 16.31 -21.60
C GLU A 73 -15.48 15.30 -21.96
N GLU A 74 -14.24 15.50 -21.52
CA GLU A 74 -13.15 14.55 -21.80
C GLU A 74 -13.21 13.31 -20.92
N TRP A 75 -13.66 13.46 -19.68
CA TRP A 75 -13.80 12.29 -18.81
C TRP A 75 -14.83 11.34 -19.43
N VAL A 76 -15.90 11.89 -19.96
CA VAL A 76 -16.96 11.11 -20.61
C VAL A 76 -16.43 10.49 -21.89
N ALA A 77 -15.71 11.26 -22.71
CA ALA A 77 -15.10 10.71 -23.92
C ALA A 77 -14.14 9.57 -23.65
N LEU A 78 -13.40 9.56 -22.53
CA LEU A 78 -12.51 8.49 -22.14
C LEU A 78 -13.26 7.27 -21.60
N GLY A 79 -14.53 7.41 -21.30
CA GLY A 79 -15.39 6.34 -20.86
C GLY A 79 -15.41 6.15 -19.35
N ILE A 80 -14.95 7.14 -18.58
CA ILE A 80 -14.98 6.93 -17.12
C ILE A 80 -16.41 6.84 -16.66
N PRO A 81 -16.78 5.76 -15.94
CA PRO A 81 -18.16 5.56 -15.58
C PRO A 81 -18.80 6.54 -14.64
N ALA A 82 -18.06 7.05 -13.65
CA ALA A 82 -18.64 7.93 -12.67
C ALA A 82 -17.64 8.92 -12.02
N LEU A 83 -18.25 9.97 -11.49
CA LEU A 83 -17.47 10.92 -10.70
C LEU A 83 -17.93 10.86 -9.24
N ALA A 84 -17.02 11.22 -8.32
CA ALA A 84 -17.40 11.31 -6.90
C ALA A 84 -17.20 12.79 -6.51
N LEU A 85 -18.27 13.48 -6.19
CA LEU A 85 -18.18 14.93 -5.94
C LEU A 85 -17.82 15.26 -4.51
N PHE A 86 -16.92 16.25 -4.33
CA PHE A 86 -16.57 16.73 -2.99
C PHE A 86 -16.61 18.27 -3.02
N PRO A 87 -17.59 18.90 -2.40
CA PRO A 87 -17.71 20.34 -2.38
C PRO A 87 -16.69 21.03 -1.49
N VAL A 88 -16.16 22.16 -1.94
CA VAL A 88 -15.19 22.98 -1.19
C VAL A 88 -16.00 24.09 -0.54
N THR A 89 -16.62 23.80 0.61
CA THR A 89 -17.56 24.72 1.22
C THR A 89 -16.90 26.04 1.64
N PRO A 90 -17.56 27.14 1.33
CA PRO A 90 -17.05 28.45 1.79
C PRO A 90 -16.98 28.45 3.31
N VAL A 91 -15.95 29.04 3.90
CA VAL A 91 -15.78 29.10 5.35
C VAL A 91 -17.03 29.62 6.06
N GLU A 92 -17.68 30.64 5.53
CA GLU A 92 -18.85 31.23 6.17
C GLU A 92 -20.10 30.39 6.20
N LYS A 93 -20.15 29.30 5.45
CA LYS A 93 -21.30 28.42 5.41
C LYS A 93 -21.11 27.23 6.35
N LYS A 94 -20.02 27.16 7.08
CA LYS A 94 -19.78 26.11 8.05
C LYS A 94 -20.45 26.48 9.38
N SER A 95 -21.04 25.52 10.07
CA SER A 95 -21.75 25.80 11.32
C SER A 95 -21.76 24.60 12.25
N LEU A 96 -22.31 24.75 13.44
CA LEU A 96 -22.41 23.59 14.34
C LEU A 96 -23.48 22.60 13.85
N ASP A 97 -24.53 23.14 13.22
CA ASP A 97 -25.60 22.25 12.79
C ASP A 97 -25.41 21.66 11.41
N ALA A 98 -24.38 22.05 10.66
CA ALA A 98 -24.10 21.49 9.35
C ALA A 98 -25.31 21.61 8.43
N ALA A 99 -26.13 22.68 8.59
CA ALA A 99 -27.34 22.78 7.78
C ALA A 99 -27.06 22.90 6.30
N GLU A 100 -25.90 23.42 5.88
CA GLU A 100 -25.57 23.56 4.46
C GLU A 100 -25.50 22.21 3.75
N ALA A 101 -25.33 21.12 4.51
CA ALA A 101 -25.28 19.78 3.97
C ALA A 101 -26.55 19.43 3.20
N TYR A 102 -27.70 19.94 3.65
CA TYR A 102 -28.94 19.63 2.93
C TYR A 102 -29.55 20.84 2.21
N ASN A 103 -28.76 21.91 2.04
CA ASN A 103 -29.28 23.06 1.27
C ASN A 103 -29.45 22.64 -0.16
N PRO A 104 -30.65 22.81 -0.74
CA PRO A 104 -30.91 22.49 -2.13
C PRO A 104 -30.05 23.30 -3.07
N GLU A 105 -29.55 24.46 -2.63
CA GLU A 105 -28.67 25.32 -3.39
C GLU A 105 -27.20 25.19 -2.96
N GLY A 106 -26.87 24.14 -2.20
CA GLY A 106 -25.45 23.91 -1.87
C GLY A 106 -24.65 23.51 -3.10
N ILE A 107 -23.30 23.57 -3.03
CA ILE A 107 -22.45 23.25 -4.17
C ILE A 107 -22.70 21.82 -4.70
N ALA A 108 -22.78 20.85 -3.77
CA ALA A 108 -22.97 19.47 -4.27
C ALA A 108 -24.27 19.25 -5.03
N GLN A 109 -25.33 19.87 -4.49
CA GLN A 109 -26.65 19.80 -5.10
C GLN A 109 -26.60 20.52 -6.45
N ARG A 110 -26.03 21.73 -6.48
CA ARG A 110 -25.99 22.43 -7.77
C ARG A 110 -25.15 21.71 -8.82
N ALA A 111 -24.02 21.15 -8.43
CA ALA A 111 -23.15 20.44 -9.35
C ALA A 111 -23.82 19.18 -9.88
N THR A 112 -24.49 18.46 -8.96
CA THR A 112 -25.23 17.29 -9.39
C THR A 112 -26.27 17.64 -10.45
N ARG A 113 -27.12 18.66 -10.20
CA ARG A 113 -28.16 18.97 -11.22
C ARG A 113 -27.51 19.33 -12.55
N ALA A 114 -26.43 20.10 -12.54
CA ALA A 114 -25.76 20.48 -13.78
C ALA A 114 -25.19 19.31 -14.56
N LEU A 115 -24.54 18.38 -13.86
CA LEU A 115 -23.96 17.22 -14.51
C LEU A 115 -25.01 16.23 -15.00
N ARG A 116 -26.07 15.99 -14.22
CA ARG A 116 -27.13 15.07 -14.63
C ARG A 116 -27.81 15.60 -15.91
N GLU A 117 -27.93 16.92 -16.02
CA GLU A 117 -28.54 17.43 -17.26
C GLU A 117 -27.64 17.34 -18.48
N ARG A 118 -26.36 17.68 -18.28
CA ARG A 118 -25.42 17.71 -19.40
C ARG A 118 -24.96 16.36 -19.89
N PHE A 119 -24.76 15.40 -18.99
CA PHE A 119 -24.20 14.09 -19.30
C PHE A 119 -25.05 13.01 -18.66
N PRO A 120 -26.23 12.72 -19.18
CA PRO A 120 -27.20 11.81 -18.61
C PRO A 120 -26.70 10.42 -18.27
N GLU A 121 -25.74 9.89 -19.02
CA GLU A 121 -25.23 8.57 -18.68
C GLU A 121 -24.09 8.56 -17.66
N LEU A 122 -23.53 9.70 -17.26
CA LEU A 122 -22.41 9.68 -16.33
C LEU A 122 -22.91 9.48 -14.91
N GLY A 123 -22.32 8.53 -14.18
CA GLY A 123 -22.73 8.30 -12.80
C GLY A 123 -22.21 9.43 -11.90
N ILE A 124 -23.07 9.92 -11.02
CA ILE A 124 -22.74 10.95 -10.06
C ILE A 124 -22.88 10.36 -8.66
N ILE A 125 -21.79 10.30 -7.93
CA ILE A 125 -21.77 9.75 -6.58
C ILE A 125 -21.54 10.91 -5.61
N THR A 126 -22.56 11.23 -4.84
CA THR A 126 -22.42 12.36 -3.89
C THR A 126 -21.93 11.87 -2.55
N ASP A 127 -21.30 12.79 -1.82
CA ASP A 127 -20.72 12.43 -0.52
C ASP A 127 -21.73 12.77 0.56
N VAL A 128 -22.04 11.76 1.39
CA VAL A 128 -22.94 11.99 2.54
C VAL A 128 -22.03 11.96 3.76
N ALA A 129 -21.85 13.15 4.36
CA ALA A 129 -20.94 13.33 5.50
C ALA A 129 -21.01 14.83 5.87
N LEU A 130 -20.79 15.16 7.11
CA LEU A 130 -20.93 16.57 7.54
C LEU A 130 -19.61 17.27 7.69
N ASP A 131 -18.47 16.61 7.42
CA ASP A 131 -17.17 17.26 7.58
C ASP A 131 -16.90 18.48 6.73
N PRO A 132 -17.40 18.61 5.51
CA PRO A 132 -17.22 19.83 4.77
C PRO A 132 -18.06 20.97 5.34
N PHE A 133 -19.01 20.68 6.23
CA PHE A 133 -19.98 21.68 6.68
C PHE A 133 -19.88 22.07 8.15
N THR A 134 -19.06 21.37 8.93
CA THR A 134 -18.97 21.71 10.35
C THR A 134 -17.80 22.65 10.63
N THR A 135 -17.96 23.49 11.65
CA THR A 135 -16.82 24.38 12.02
C THR A 135 -15.64 23.60 12.59
N HIS A 136 -15.89 22.46 13.22
CA HIS A 136 -14.91 21.59 13.84
C HIS A 136 -14.33 20.53 12.92
N GLY A 137 -14.89 20.37 11.71
CA GLY A 137 -14.30 19.39 10.77
C GLY A 137 -14.69 17.94 11.06
N GLN A 138 -15.46 17.64 12.09
CA GLN A 138 -15.82 16.23 12.34
C GLN A 138 -16.96 15.84 11.43
N ASP A 139 -17.12 14.53 11.22
CA ASP A 139 -18.10 14.05 10.26
C ASP A 139 -19.53 14.01 10.77
N GLY A 140 -19.75 14.30 12.02
CA GLY A 140 -21.07 14.41 12.63
C GLY A 140 -21.20 15.61 13.55
N ILE A 141 -22.30 15.69 14.28
CA ILE A 141 -22.64 16.76 15.21
C ILE A 141 -22.01 16.53 16.59
N LEU A 142 -21.39 17.52 17.23
CA LEU A 142 -20.79 17.30 18.53
C LEU A 142 -21.72 17.56 19.71
N ASP A 143 -21.57 16.77 20.77
CA ASP A 143 -22.31 16.97 22.00
C ASP A 143 -21.47 17.96 22.84
N ASP A 144 -21.91 18.27 24.04
CA ASP A 144 -21.17 19.22 24.87
C ASP A 144 -19.84 18.74 25.40
N ASP A 145 -19.56 17.44 25.34
CA ASP A 145 -18.30 16.86 25.74
C ASP A 145 -17.37 16.72 24.54
N GLY A 146 -17.79 17.16 23.35
CA GLY A 146 -16.98 17.09 22.16
C GLY A 146 -17.04 15.74 21.46
N TYR A 147 -18.00 14.92 21.84
CA TYR A 147 -18.14 13.59 21.22
C TYR A 147 -18.99 13.71 19.96
N VAL A 148 -18.66 12.93 18.94
CA VAL A 148 -19.49 12.97 17.72
C VAL A 148 -20.72 12.10 17.94
N LEU A 149 -21.86 12.73 18.17
CA LEU A 149 -23.12 12.01 18.40
C LEU A 149 -23.50 11.12 17.23
N ASN A 150 -23.92 9.88 17.54
CA ASN A 150 -24.24 9.01 16.41
C ASN A 150 -25.63 9.26 15.82
N ASP A 151 -26.70 9.05 16.56
CA ASP A 151 -28.04 9.15 15.99
C ASP A 151 -28.48 10.55 15.59
N VAL A 152 -28.04 11.57 16.35
CA VAL A 152 -28.38 12.95 15.92
C VAL A 152 -27.69 13.25 14.61
N SER A 153 -26.47 12.71 14.42
CA SER A 153 -25.77 12.91 13.15
C SER A 153 -26.51 12.19 12.02
N ILE A 154 -26.97 10.96 12.26
CA ILE A 154 -27.75 10.26 11.23
C ILE A 154 -28.91 11.12 10.75
N ASP A 155 -29.64 11.80 11.66
CA ASP A 155 -30.75 12.63 11.19
C ASP A 155 -30.30 13.66 10.16
N VAL A 156 -29.13 14.28 10.35
CA VAL A 156 -28.69 15.27 9.35
C VAL A 156 -28.22 14.60 8.06
N LEU A 157 -27.56 13.44 8.18
CA LEU A 157 -27.09 12.72 7.01
C LEU A 157 -28.26 12.25 6.14
N VAL A 158 -29.37 11.89 6.80
CA VAL A 158 -30.54 11.43 6.04
C VAL A 158 -31.11 12.62 5.27
N ARG A 159 -31.16 13.81 5.89
CA ARG A 159 -31.66 14.98 5.16
C ARG A 159 -30.77 15.29 3.97
N GLN A 160 -29.47 15.21 4.19
CA GLN A 160 -28.47 15.39 3.14
C GLN A 160 -28.67 14.38 2.00
N ALA A 161 -28.76 13.10 2.32
CA ALA A 161 -28.95 12.10 1.27
C ALA A 161 -30.24 12.33 0.50
N LEU A 162 -31.34 12.67 1.17
CA LEU A 162 -32.58 12.98 0.41
C LEU A 162 -32.37 14.16 -0.52
N SER A 163 -31.65 15.19 -0.07
CA SER A 163 -31.40 16.32 -0.95
C SER A 163 -30.60 15.92 -2.19
N HIS A 164 -29.62 15.00 -2.04
CA HIS A 164 -28.87 14.55 -3.19
C HIS A 164 -29.72 13.75 -4.15
N ALA A 165 -30.63 12.93 -3.60
CA ALA A 165 -31.53 12.16 -4.47
C ALA A 165 -32.44 13.13 -5.23
N GLU A 166 -32.93 14.14 -4.53
CA GLU A 166 -33.81 15.15 -5.18
C GLU A 166 -33.05 15.86 -6.28
N ALA A 167 -31.75 16.10 -6.13
CA ALA A 167 -30.94 16.73 -7.18
C ALA A 167 -30.64 15.82 -8.35
N GLY A 168 -30.94 14.51 -8.26
CA GLY A 168 -30.73 13.56 -9.32
C GLY A 168 -29.57 12.62 -9.21
N ALA A 169 -28.86 12.59 -8.06
CA ALA A 169 -27.71 11.69 -7.97
C ALA A 169 -28.19 10.23 -8.09
N GLN A 170 -27.41 9.46 -8.84
CA GLN A 170 -27.77 8.03 -8.97
C GLN A 170 -27.25 7.25 -7.76
N VAL A 171 -26.21 7.77 -7.13
CA VAL A 171 -25.57 7.10 -6.00
C VAL A 171 -25.27 8.10 -4.90
N VAL A 172 -25.58 7.76 -3.64
CA VAL A 172 -25.14 8.61 -2.52
C VAL A 172 -24.12 7.73 -1.75
N ALA A 173 -23.03 8.33 -1.29
CA ALA A 173 -22.02 7.51 -0.60
C ALA A 173 -21.72 8.05 0.79
N PRO A 174 -22.29 7.45 1.83
CA PRO A 174 -22.07 7.88 3.22
C PRO A 174 -20.66 7.51 3.64
N SER A 175 -19.80 8.50 3.84
CA SER A 175 -18.38 8.35 4.17
C SER A 175 -18.11 8.71 5.63
N ASP A 176 -19.16 8.79 6.42
CA ASP A 176 -19.17 9.26 7.78
C ASP A 176 -18.81 8.30 8.89
N MET A 177 -19.02 6.99 8.73
CA MET A 177 -18.69 6.04 9.81
C MET A 177 -19.53 6.20 11.06
N MET A 178 -20.79 6.62 10.90
CA MET A 178 -21.71 6.55 12.04
C MET A 178 -22.31 5.13 12.02
N ASP A 179 -22.60 4.53 13.18
CA ASP A 179 -23.22 3.21 13.15
C ASP A 179 -24.65 3.32 12.64
N GLY A 180 -25.10 2.31 11.87
CA GLY A 180 -26.51 2.27 11.44
C GLY A 180 -26.90 3.29 10.38
N ARG A 181 -25.98 4.13 9.86
CA ARG A 181 -26.53 5.15 8.92
C ARG A 181 -26.98 4.57 7.61
N ILE A 182 -26.37 3.49 7.13
CA ILE A 182 -26.78 2.92 5.84
C ILE A 182 -28.26 2.52 5.93
N GLY A 183 -28.68 1.86 6.99
CA GLY A 183 -30.10 1.45 7.08
C GLY A 183 -31.06 2.64 7.21
N ALA A 184 -30.63 3.68 7.92
CA ALA A 184 -31.47 4.86 8.09
C ALA A 184 -31.66 5.55 6.73
N ILE A 185 -30.53 5.69 6.02
CA ILE A 185 -30.61 6.34 4.70
C ILE A 185 -31.43 5.50 3.74
N ARG A 186 -31.25 4.18 3.75
CA ARG A 186 -32.04 3.32 2.84
C ARG A 186 -33.52 3.45 3.14
N GLU A 187 -33.90 3.39 4.42
CA GLU A 187 -35.32 3.53 4.78
C GLU A 187 -35.90 4.84 4.30
N ALA A 188 -35.11 5.92 4.44
CA ALA A 188 -35.62 7.22 4.01
C ALA A 188 -35.76 7.29 2.49
N LEU A 189 -34.80 6.72 1.78
CA LEU A 189 -34.87 6.71 0.31
C LEU A 189 -36.07 5.88 -0.14
N GLU A 190 -36.27 4.72 0.46
CA GLU A 190 -37.44 3.90 0.08
C GLU A 190 -38.76 4.61 0.40
N SER A 191 -38.82 5.17 1.60
CA SER A 191 -40.07 5.86 1.97
C SER A 191 -40.39 7.00 1.04
N ALA A 192 -39.41 7.72 0.53
CA ALA A 192 -39.58 8.86 -0.34
C ALA A 192 -39.75 8.48 -1.82
N GLY A 193 -39.67 7.18 -2.12
CA GLY A 193 -39.86 6.75 -3.50
C GLY A 193 -38.58 6.75 -4.31
N HIS A 194 -37.44 6.98 -3.64
CA HIS A 194 -36.16 6.93 -4.38
C HIS A 194 -35.65 5.50 -4.43
N THR A 195 -36.40 4.63 -5.09
CA THR A 195 -36.23 3.20 -5.18
C THR A 195 -34.90 2.75 -5.73
N ASN A 196 -34.40 3.51 -6.72
CA ASN A 196 -33.18 3.05 -7.41
C ASN A 196 -31.92 3.86 -7.10
N VAL A 197 -32.02 4.73 -6.10
CA VAL A 197 -30.80 5.46 -5.72
C VAL A 197 -29.86 4.47 -5.05
N ARG A 198 -28.66 4.26 -5.59
CA ARG A 198 -27.74 3.32 -4.95
C ARG A 198 -27.06 3.97 -3.75
N ILE A 199 -26.73 3.14 -2.76
CA ILE A 199 -25.99 3.59 -1.57
C ILE A 199 -24.65 2.85 -1.59
N MET A 200 -23.57 3.58 -1.76
CA MET A 200 -22.20 3.08 -1.76
C MET A 200 -21.64 3.33 -0.37
N ALA A 201 -21.71 2.30 0.49
CA ALA A 201 -21.27 2.53 1.86
C ALA A 201 -19.76 2.56 2.00
N TYR A 202 -19.21 3.54 2.74
CA TYR A 202 -17.80 3.49 3.14
C TYR A 202 -17.89 2.63 4.41
N SER A 203 -17.62 1.34 4.22
CA SER A 203 -17.90 0.35 5.27
C SER A 203 -16.78 0.15 6.26
N ALA A 204 -15.61 -0.16 5.71
CA ALA A 204 -14.40 -0.32 6.53
C ALA A 204 -13.47 0.85 6.21
N LYS A 205 -13.73 1.96 6.91
CA LYS A 205 -12.96 3.18 6.69
C LYS A 205 -12.12 3.44 7.95
N TYR A 206 -10.81 3.43 7.76
CA TYR A 206 -9.90 3.55 8.92
C TYR A 206 -9.47 4.96 9.28
N ALA A 207 -9.12 5.10 10.57
CA ALA A 207 -8.62 6.38 11.13
C ALA A 207 -7.17 6.48 10.70
N SER A 208 -6.92 7.10 9.58
CA SER A 208 -5.62 7.11 8.95
C SER A 208 -4.92 8.43 8.79
N ALA A 209 -3.60 8.35 8.60
CA ALA A 209 -2.80 9.55 8.34
C ALA A 209 -2.74 9.82 6.85
N TYR A 210 -3.24 8.88 6.00
CA TYR A 210 -3.15 9.11 4.55
C TYR A 210 -4.16 10.11 4.01
N TYR A 211 -5.05 10.68 4.80
CA TYR A 211 -6.06 11.63 4.35
C TYR A 211 -5.59 13.08 4.36
N GLY A 212 -4.35 13.32 4.78
CA GLY A 212 -3.90 14.71 4.88
C GLY A 212 -4.21 15.62 3.71
N PRO A 213 -3.76 15.27 2.51
CA PRO A 213 -3.94 16.10 1.33
C PRO A 213 -5.39 16.39 1.01
N PHE A 214 -6.33 15.47 1.23
CA PHE A 214 -7.74 15.69 0.99
C PHE A 214 -8.28 16.80 1.87
N ARG A 215 -7.82 16.86 3.12
CA ARG A 215 -8.30 17.89 4.05
C ARG A 215 -7.88 19.25 3.51
N ASP A 216 -6.74 19.34 2.84
CA ASP A 216 -6.30 20.57 2.21
C ASP A 216 -7.19 20.87 1.00
N ALA A 217 -7.41 19.86 0.15
CA ALA A 217 -8.21 20.03 -1.04
C ALA A 217 -9.62 20.53 -0.74
N VAL A 218 -10.28 19.97 0.26
CA VAL A 218 -11.66 20.34 0.55
C VAL A 218 -11.82 21.53 1.48
N GLY A 219 -10.74 21.93 2.13
CA GLY A 219 -10.82 23.09 3.03
C GLY A 219 -11.27 22.72 4.44
N SER A 220 -11.18 21.47 4.86
CA SER A 220 -11.54 21.12 6.23
C SER A 220 -10.30 21.09 7.15
N ALA A 221 -9.11 21.13 6.60
CA ALA A 221 -7.88 21.01 7.37
C ALA A 221 -7.79 21.98 8.55
N SER A 222 -8.04 23.27 8.30
CA SER A 222 -7.92 24.23 9.40
C SER A 222 -9.03 24.06 10.43
N ASN A 223 -10.20 23.58 9.98
CA ASN A 223 -11.31 23.38 10.93
C ASN A 223 -10.98 22.21 11.86
N LEU A 224 -10.48 21.11 11.29
CA LEU A 224 -10.14 19.94 12.11
C LEU A 224 -8.92 20.18 13.00
N GLY A 225 -7.95 20.96 12.50
CA GLY A 225 -6.76 21.22 13.32
C GLY A 225 -6.08 19.87 13.63
N LYS A 226 -5.76 19.65 14.90
CA LYS A 226 -5.10 18.40 15.29
C LYS A 226 -6.08 17.33 15.75
N GLY A 227 -7.35 17.51 15.48
CA GLY A 227 -8.40 16.59 15.90
C GLY A 227 -8.26 15.21 15.27
N ASN A 228 -8.90 14.22 15.90
CA ASN A 228 -8.83 12.85 15.43
C ASN A 228 -10.23 12.25 15.37
N LYS A 229 -10.34 11.10 14.70
CA LYS A 229 -11.65 10.48 14.49
C LYS A 229 -11.63 9.06 15.01
N ALA A 230 -10.83 8.80 16.06
CA ALA A 230 -10.71 7.45 16.61
C ALA A 230 -11.97 6.90 17.26
N THR A 231 -12.96 7.74 17.61
CA THR A 231 -14.19 7.19 18.19
C THR A 231 -15.15 6.71 17.10
N TYR A 232 -14.80 6.85 15.82
CA TYR A 232 -15.70 6.38 14.78
C TYR A 232 -14.99 5.69 13.62
N GLN A 233 -13.88 6.25 13.14
CA GLN A 233 -13.14 5.55 12.06
C GLN A 233 -12.40 4.38 12.70
N MET A 234 -12.11 3.35 11.91
CA MET A 234 -11.52 2.14 12.50
C MET A 234 -10.03 2.21 12.85
N ASP A 235 -9.70 1.43 13.86
CA ASP A 235 -8.27 1.30 14.22
C ASP A 235 -7.54 0.54 13.13
N PRO A 236 -6.47 1.06 12.55
CA PRO A 236 -5.67 0.39 11.53
C PRO A 236 -5.21 -0.99 11.91
N ALA A 237 -5.12 -1.36 13.17
CA ALA A 237 -4.65 -2.68 13.59
C ALA A 237 -5.69 -3.77 13.32
N ASN A 238 -6.95 -3.39 13.14
CA ASN A 238 -8.03 -4.41 13.09
C ASN A 238 -8.50 -4.87 11.74
N SER A 239 -8.55 -6.19 11.60
CA SER A 239 -8.97 -6.82 10.33
C SER A 239 -10.29 -7.54 10.49
N ASP A 240 -10.40 -8.41 11.51
CA ASP A 240 -11.69 -9.10 11.70
C ASP A 240 -12.84 -8.13 11.85
N GLU A 241 -12.60 -6.98 12.51
CA GLU A 241 -13.64 -5.99 12.72
C GLU A 241 -14.19 -5.47 11.40
N ALA A 242 -13.37 -5.40 10.34
CA ALA A 242 -13.89 -4.90 9.05
C ALA A 242 -14.98 -5.83 8.49
N LEU A 243 -14.84 -7.13 8.81
CA LEU A 243 -15.88 -8.04 8.28
C LEU A 243 -17.21 -7.74 8.95
N HIS A 244 -17.21 -7.41 10.25
CA HIS A 244 -18.44 -7.06 10.94
C HIS A 244 -19.05 -5.74 10.45
N GLU A 245 -18.19 -4.78 10.09
CA GLU A 245 -18.69 -3.51 9.55
C GLU A 245 -19.39 -3.75 8.23
N VAL A 246 -18.73 -4.51 7.35
CA VAL A 246 -19.34 -4.77 6.01
C VAL A 246 -20.60 -5.61 6.13
N ALA A 247 -20.61 -6.61 7.02
CA ALA A 247 -21.84 -7.42 7.14
C ALA A 247 -23.04 -6.57 7.51
N ALA A 248 -22.88 -5.66 8.47
CA ALA A 248 -23.96 -4.78 8.88
C ALA A 248 -24.42 -3.90 7.71
N ASP A 249 -23.45 -3.34 6.97
CA ASP A 249 -23.87 -2.44 5.88
C ASP A 249 -24.62 -3.20 4.76
N LEU A 250 -24.22 -4.44 4.49
CA LEU A 250 -24.99 -5.24 3.52
C LEU A 250 -26.39 -5.54 4.04
N ALA A 251 -26.52 -5.94 5.32
CA ALA A 251 -27.84 -6.22 5.88
C ALA A 251 -28.73 -4.99 5.91
N GLU A 252 -28.11 -3.80 6.06
CA GLU A 252 -28.83 -2.54 6.08
C GLU A 252 -29.20 -2.04 4.67
N GLY A 253 -28.74 -2.70 3.63
CA GLY A 253 -29.21 -2.32 2.30
C GLY A 253 -28.22 -1.69 1.35
N ALA A 254 -26.91 -1.67 1.69
CA ALA A 254 -25.98 -1.08 0.75
C ALA A 254 -25.92 -1.84 -0.57
N ASP A 255 -25.79 -1.10 -1.69
CA ASP A 255 -25.65 -1.76 -2.98
C ASP A 255 -24.20 -2.07 -3.32
N MET A 256 -23.28 -1.31 -2.71
CA MET A 256 -21.85 -1.46 -2.87
C MET A 256 -21.21 -1.19 -1.50
N VAL A 257 -20.10 -1.86 -1.18
CA VAL A 257 -19.37 -1.63 0.06
C VAL A 257 -17.92 -1.28 -0.26
N MET A 258 -17.28 -0.41 0.51
CA MET A 258 -15.95 0.10 0.24
C MET A 258 -15.00 0.00 1.43
N VAL A 259 -13.74 -0.23 1.08
CA VAL A 259 -12.61 -0.23 2.00
C VAL A 259 -11.82 1.06 1.74
N LYS A 260 -11.38 1.73 2.80
CA LYS A 260 -10.61 2.97 2.66
C LYS A 260 -9.71 3.23 3.86
N PRO A 261 -8.47 3.63 3.69
CA PRO A 261 -7.74 3.77 2.47
C PRO A 261 -7.56 2.48 1.66
N GLY A 262 -6.73 2.56 0.61
CA GLY A 262 -6.66 1.47 -0.35
C GLY A 262 -5.43 0.60 -0.29
N MET A 263 -4.32 1.11 -0.83
CA MET A 263 -3.10 0.27 -0.86
C MET A 263 -2.64 -0.22 0.48
N PRO A 264 -2.73 0.57 1.57
CA PRO A 264 -2.32 0.12 2.87
C PRO A 264 -3.25 -0.91 3.48
N TYR A 265 -4.40 -1.18 2.85
CA TYR A 265 -5.44 -2.08 3.34
C TYR A 265 -5.85 -3.10 2.28
N LEU A 266 -4.95 -3.50 1.37
CA LEU A 266 -5.29 -4.48 0.34
C LEU A 266 -5.72 -5.82 0.92
N ASP A 267 -5.15 -6.19 2.07
CA ASP A 267 -5.54 -7.41 2.75
C ASP A 267 -7.04 -7.34 3.14
N ILE A 268 -7.51 -6.16 3.52
CA ILE A 268 -8.94 -6.00 3.86
C ILE A 268 -9.81 -6.13 2.63
N VAL A 269 -9.37 -5.55 1.50
CA VAL A 269 -10.16 -5.73 0.28
C VAL A 269 -10.32 -7.21 -0.04
N ARG A 270 -9.22 -7.98 0.04
CA ARG A 270 -9.22 -9.41 -0.24
C ARG A 270 -10.15 -10.17 0.71
N ARG A 271 -10.05 -9.92 2.02
CA ARG A 271 -10.97 -10.63 2.93
C ARG A 271 -12.43 -10.26 2.67
N VAL A 272 -12.72 -8.99 2.40
CA VAL A 272 -14.11 -8.54 2.18
C VAL A 272 -14.70 -9.17 0.91
N LYS A 273 -13.94 -9.18 -0.18
CA LYS A 273 -14.48 -9.84 -1.40
C LYS A 273 -14.68 -11.32 -1.15
N ASP A 274 -13.70 -11.99 -0.51
CA ASP A 274 -13.84 -13.44 -0.29
C ASP A 274 -14.99 -13.83 0.62
N GLU A 275 -15.22 -13.09 1.67
CA GLU A 275 -16.24 -13.37 2.65
C GLU A 275 -17.65 -13.08 2.16
N PHE A 276 -17.85 -11.94 1.48
CA PHE A 276 -19.22 -11.56 1.15
C PHE A 276 -19.57 -11.68 -0.32
N ARG A 277 -18.62 -11.80 -1.22
CA ARG A 277 -18.92 -11.92 -2.66
C ARG A 277 -19.91 -10.85 -3.10
N ALA A 278 -19.70 -9.60 -2.71
CA ALA A 278 -20.61 -8.51 -3.06
C ALA A 278 -19.83 -7.40 -3.79
N PRO A 279 -20.46 -6.45 -4.43
CA PRO A 279 -19.73 -5.40 -5.16
C PRO A 279 -18.84 -4.62 -4.18
N THR A 280 -17.53 -4.72 -4.41
CA THR A 280 -16.54 -4.19 -3.47
C THR A 280 -15.69 -3.12 -4.10
N PHE A 281 -15.60 -1.99 -3.40
CA PHE A 281 -14.92 -0.81 -3.92
C PHE A 281 -13.78 -0.42 -2.99
N VAL A 282 -12.85 0.34 -3.53
CA VAL A 282 -11.71 0.72 -2.67
C VAL A 282 -11.30 2.14 -3.02
N TYR A 283 -10.85 2.92 -2.03
CA TYR A 283 -10.47 4.33 -2.34
C TYR A 283 -8.96 4.48 -2.25
N GLN A 284 -8.34 4.84 -3.38
CA GLN A 284 -6.90 5.16 -3.40
C GLN A 284 -6.87 6.62 -2.98
N VAL A 285 -6.65 6.86 -1.69
CA VAL A 285 -6.86 8.17 -1.11
C VAL A 285 -5.80 9.19 -1.51
N SER A 286 -6.10 10.42 -1.16
CA SER A 286 -5.26 11.58 -1.46
C SER A 286 -3.80 11.35 -1.12
N GLY A 287 -3.52 10.83 0.09
CA GLY A 287 -2.11 10.62 0.45
C GLY A 287 -1.43 9.56 -0.41
N GLU A 288 -2.17 8.53 -0.86
CA GLU A 288 -1.59 7.56 -1.78
C GLU A 288 -1.29 8.24 -3.11
N TYR A 289 -2.23 9.07 -3.61
CA TYR A 289 -2.00 9.80 -4.86
C TYR A 289 -0.76 10.71 -4.74
N ALA A 290 -0.73 11.51 -3.68
CA ALA A 290 0.37 12.46 -3.49
C ALA A 290 1.73 11.76 -3.39
N MET A 291 1.79 10.68 -2.60
CA MET A 291 3.12 10.05 -2.47
C MET A 291 3.60 9.52 -3.81
N HIS A 292 2.70 8.94 -4.62
CA HIS A 292 3.13 8.44 -5.93
C HIS A 292 3.54 9.58 -6.85
N MET A 293 2.69 10.61 -6.93
CA MET A 293 2.92 11.77 -7.78
C MET A 293 4.24 12.45 -7.41
N GLY A 294 4.51 12.62 -6.12
CA GLY A 294 5.76 13.25 -5.70
C GLY A 294 6.96 12.45 -6.16
N ALA A 295 6.88 11.13 -6.02
CA ALA A 295 7.99 10.28 -6.45
C ALA A 295 8.13 10.25 -7.97
N ILE A 296 7.01 10.24 -8.69
CA ILE A 296 7.10 10.25 -10.16
C ILE A 296 7.71 11.58 -10.64
N GLN A 297 7.29 12.71 -10.09
CA GLN A 297 7.83 14.02 -10.48
C GLN A 297 9.30 14.18 -10.15
N ASN A 298 9.76 13.51 -9.09
CA ASN A 298 11.14 13.56 -8.69
C ASN A 298 12.00 12.65 -9.55
N GLY A 299 11.42 11.75 -10.31
CA GLY A 299 12.12 10.80 -11.15
C GLY A 299 12.54 9.55 -10.39
N TRP A 300 11.94 9.33 -9.22
CA TRP A 300 12.26 8.20 -8.37
C TRP A 300 11.51 6.93 -8.76
N LEU A 301 10.34 7.10 -9.33
CA LEU A 301 9.51 6.00 -9.78
C LEU A 301 9.07 6.27 -11.24
N ALA A 302 9.01 5.25 -12.05
CA ALA A 302 8.55 5.45 -13.44
C ALA A 302 7.03 5.64 -13.43
N GLU A 303 6.48 6.25 -14.46
CA GLU A 303 5.05 6.47 -14.61
C GLU A 303 4.21 5.19 -14.67
N SER A 304 4.83 4.07 -15.03
CA SER A 304 4.23 2.76 -15.05
C SER A 304 3.76 2.35 -13.66
N VAL A 305 4.20 2.98 -12.59
CA VAL A 305 3.72 2.67 -11.26
C VAL A 305 2.24 2.98 -11.11
N ILE A 306 1.71 3.95 -11.87
CA ILE A 306 0.27 4.27 -11.76
C ILE A 306 -0.58 3.04 -12.09
N LEU A 307 -0.34 2.43 -13.24
CA LEU A 307 -1.13 1.23 -13.58
C LEU A 307 -0.82 0.07 -12.66
N GLU A 308 0.43 -0.05 -12.20
CA GLU A 308 0.77 -1.14 -11.28
C GLU A 308 -0.04 -0.97 -9.99
N SER A 309 -0.12 0.27 -9.48
CA SER A 309 -0.90 0.50 -8.27
C SER A 309 -2.39 0.16 -8.42
N LEU A 310 -2.96 0.47 -9.59
CA LEU A 310 -4.38 0.22 -9.82
C LEU A 310 -4.68 -1.24 -10.12
N THR A 311 -3.69 -1.93 -10.71
CA THR A 311 -3.81 -3.36 -10.97
C THR A 311 -3.85 -4.09 -9.63
N ALA A 312 -3.09 -3.59 -8.65
CA ALA A 312 -3.14 -4.26 -7.35
C ALA A 312 -4.55 -4.28 -6.78
N PHE A 313 -5.34 -3.21 -6.96
CA PHE A 313 -6.69 -3.24 -6.40
C PHE A 313 -7.54 -4.33 -7.06
N LYS A 314 -7.41 -4.50 -8.37
CA LYS A 314 -8.17 -5.58 -9.02
C LYS A 314 -7.73 -6.97 -8.57
N ARG A 315 -6.43 -7.20 -8.45
CA ARG A 315 -5.87 -8.46 -7.97
C ARG A 315 -6.34 -8.77 -6.56
N ALA A 316 -6.44 -7.75 -5.70
CA ALA A 316 -6.90 -7.89 -4.33
C ALA A 316 -8.39 -8.13 -4.22
N GLY A 317 -9.19 -7.93 -5.26
CA GLY A 317 -10.62 -8.27 -5.23
C GLY A 317 -11.54 -7.10 -5.40
N ALA A 318 -11.06 -5.89 -5.73
CA ALA A 318 -12.00 -4.80 -5.89
C ALA A 318 -12.65 -4.80 -7.28
N ASP A 319 -13.94 -4.44 -7.31
CA ASP A 319 -14.64 -4.25 -8.59
C ASP A 319 -14.41 -2.85 -9.13
N GLY A 320 -14.36 -1.84 -8.24
CA GLY A 320 -14.22 -0.45 -8.65
C GLY A 320 -13.29 0.29 -7.69
N ILE A 321 -12.66 1.32 -8.21
CA ILE A 321 -11.60 2.05 -7.51
C ILE A 321 -11.82 3.56 -7.62
N LEU A 322 -11.93 4.25 -6.50
CA LEU A 322 -12.03 5.72 -6.49
C LEU A 322 -10.55 6.18 -6.52
N THR A 323 -10.16 6.84 -7.61
CA THR A 323 -8.74 7.22 -7.72
C THR A 323 -8.57 8.57 -8.41
N TYR A 324 -7.72 9.43 -7.83
CA TYR A 324 -7.40 10.72 -8.48
C TYR A 324 -6.58 10.55 -9.74
N PHE A 325 -6.03 9.37 -10.03
CA PHE A 325 -5.35 9.05 -11.27
C PHE A 325 -6.32 8.61 -12.38
N ALA A 326 -7.65 8.67 -12.20
CA ALA A 326 -8.55 8.09 -13.18
C ALA A 326 -8.39 8.61 -14.60
N LYS A 327 -8.20 9.93 -14.80
CA LYS A 327 -8.08 10.39 -16.19
C LYS A 327 -6.81 9.85 -16.86
N GLN A 328 -5.68 9.96 -16.16
CA GLN A 328 -4.42 9.45 -16.68
C GLN A 328 -4.47 7.96 -16.97
N ALA A 329 -5.04 7.22 -16.00
CA ALA A 329 -5.16 5.78 -16.20
C ALA A 329 -6.06 5.46 -17.39
N ALA A 330 -7.18 6.15 -17.58
CA ALA A 330 -8.07 5.90 -18.71
C ALA A 330 -7.36 6.23 -20.03
N GLU A 331 -6.55 7.27 -20.04
CA GLU A 331 -5.80 7.63 -21.25
C GLU A 331 -4.81 6.51 -21.59
N GLN A 332 -4.09 6.02 -20.59
CA GLN A 332 -3.12 4.93 -20.79
C GLN A 332 -3.78 3.63 -21.17
N LEU A 333 -4.96 3.31 -20.63
CA LEU A 333 -5.65 2.08 -20.97
C LEU A 333 -6.18 2.09 -22.40
N ARG A 334 -6.51 3.27 -22.91
CA ARG A 334 -6.95 3.49 -24.28
C ARG A 334 -5.70 3.41 -25.18
N ARG A 335 -5.24 2.21 -25.48
CA ARG A 335 -4.06 1.91 -26.25
C ARG A 335 -4.21 0.55 -26.93
N ALA B 6 -23.62 -14.49 15.54
CA ALA B 6 -23.92 -13.70 14.31
C ALA B 6 -25.25 -12.98 14.45
N ASN B 7 -25.85 -12.46 13.37
CA ASN B 7 -27.09 -11.71 13.41
C ASN B 7 -26.89 -10.41 14.21
N ARG B 8 -25.71 -9.83 14.13
CA ARG B 8 -25.45 -8.59 14.87
C ARG B 8 -26.14 -7.44 14.12
N ALA B 9 -26.98 -6.69 14.79
CA ALA B 9 -27.69 -5.62 14.11
C ALA B 9 -27.77 -4.36 14.96
N TYR B 10 -27.62 -3.23 14.27
CA TYR B 10 -27.83 -1.92 14.96
C TYR B 10 -29.29 -1.82 15.36
N PRO B 11 -29.64 -1.24 16.50
CA PRO B 11 -28.75 -0.61 17.45
C PRO B 11 -28.33 -1.50 18.62
N TYR B 12 -28.70 -2.78 18.57
CA TYR B 12 -28.23 -3.71 19.62
C TYR B 12 -26.69 -3.77 19.56
N THR B 13 -26.21 -3.88 18.30
CA THR B 13 -24.77 -3.82 18.05
C THR B 13 -24.42 -2.44 17.51
N ARG B 14 -23.63 -1.67 18.26
CA ARG B 14 -23.10 -0.39 17.77
C ARG B 14 -21.59 -0.60 17.79
N LEU B 15 -20.94 -0.71 16.64
CA LEU B 15 -19.50 -0.97 16.63
C LEU B 15 -18.67 0.18 17.16
N ARG B 16 -19.26 1.37 17.36
CA ARG B 16 -18.52 2.49 17.94
C ARG B 16 -18.35 2.32 19.44
N ARG B 17 -19.06 1.43 20.13
CA ARG B 17 -18.91 1.38 21.60
C ARG B 17 -17.48 1.06 22.00
N ASN B 18 -16.85 0.05 21.35
CA ASN B 18 -15.44 -0.27 21.70
C ASN B 18 -14.49 0.84 21.29
N ARG B 19 -14.86 1.67 20.27
CA ARG B 19 -14.04 2.79 19.88
C ARG B 19 -14.21 4.02 20.76
N ARG B 20 -15.11 3.98 21.76
CA ARG B 20 -15.41 5.19 22.53
C ARG B 20 -14.23 5.71 23.31
N ASP B 21 -13.48 4.80 23.93
CA ASP B 21 -12.39 5.19 24.80
C ASP B 21 -11.07 4.52 24.43
N ASP B 22 -9.95 5.18 24.75
CA ASP B 22 -8.67 4.49 24.49
C ASP B 22 -8.60 3.13 25.18
N PHE B 23 -9.10 2.96 26.41
CA PHE B 23 -8.91 1.70 27.08
C PHE B 23 -9.57 0.54 26.33
N SER B 24 -10.75 0.79 25.78
CA SER B 24 -11.44 -0.33 25.09
C SER B 24 -10.90 -0.52 23.70
N ARG B 25 -10.41 0.54 23.05
CA ARG B 25 -9.67 0.31 21.79
C ARG B 25 -8.43 -0.52 22.02
N ARG B 26 -7.70 -0.34 23.13
CA ARG B 26 -6.53 -1.15 23.43
C ARG B 26 -6.92 -2.60 23.74
N LEU B 27 -8.02 -2.81 24.46
CA LEU B 27 -8.39 -4.19 24.79
C LEU B 27 -8.80 -5.02 23.58
N VAL B 28 -9.44 -4.38 22.61
CA VAL B 28 -9.85 -5.16 21.43
C VAL B 28 -8.87 -5.07 20.27
N ARG B 29 -7.77 -4.33 20.40
CA ARG B 29 -6.80 -4.13 19.32
C ARG B 29 -6.24 -5.48 18.87
N GLU B 30 -6.38 -5.78 17.58
CA GLU B 30 -6.07 -7.13 17.12
C GLU B 30 -4.61 -7.38 16.81
N ASN B 31 -3.84 -6.35 16.46
CA ASN B 31 -2.45 -6.56 16.08
C ASN B 31 -1.57 -5.47 16.65
N VAL B 32 -0.26 -5.72 16.74
CA VAL B 32 0.63 -4.64 17.20
C VAL B 32 1.99 -4.86 16.57
N LEU B 33 2.64 -3.78 16.17
CA LEU B 33 3.99 -3.90 15.64
C LEU B 33 4.99 -3.81 16.80
N THR B 34 6.02 -4.65 16.80
CA THR B 34 7.03 -4.53 17.87
C THR B 34 8.40 -4.52 17.18
N VAL B 35 9.46 -4.22 17.96
CA VAL B 35 10.79 -4.23 17.32
C VAL B 35 11.21 -5.61 16.90
N ASP B 36 10.63 -6.69 17.42
CA ASP B 36 10.88 -8.05 17.03
C ASP B 36 10.52 -8.31 15.56
N ASP B 37 9.74 -7.43 14.96
CA ASP B 37 9.28 -7.62 13.59
C ASP B 37 10.17 -6.98 12.54
N LEU B 38 11.20 -6.22 12.96
CA LEU B 38 11.94 -5.44 12.02
C LEU B 38 13.30 -5.95 11.57
N ILE B 39 13.55 -5.81 10.27
CA ILE B 39 14.82 -6.15 9.64
C ILE B 39 15.27 -4.91 8.88
N LEU B 40 16.49 -4.45 9.13
CA LEU B 40 16.97 -3.22 8.46
C LEU B 40 17.95 -3.54 7.33
N PRO B 41 17.61 -3.23 6.08
CA PRO B 41 18.52 -3.38 4.97
C PRO B 41 19.57 -2.26 4.99
N VAL B 42 20.82 -2.59 4.65
CA VAL B 42 21.92 -1.63 4.67
C VAL B 42 22.79 -1.76 3.41
N PHE B 43 23.18 -0.63 2.84
CA PHE B 43 24.04 -0.58 1.65
C PHE B 43 25.48 -0.38 2.12
N VAL B 44 26.35 -1.32 1.80
CA VAL B 44 27.72 -1.30 2.34
C VAL B 44 28.76 -0.96 1.30
N LEU B 45 29.58 0.07 1.57
CA LEU B 45 30.65 0.47 0.67
C LEU B 45 31.96 -0.29 0.94
N ASP B 46 32.86 -0.21 -0.03
CA ASP B 46 34.14 -0.88 0.07
C ASP B 46 35.20 -0.18 0.90
N GLY B 47 35.17 1.13 1.02
CA GLY B 47 36.34 1.76 1.68
C GLY B 47 36.34 1.91 3.17
N VAL B 48 37.08 2.95 3.62
CA VAL B 48 37.18 3.22 5.05
C VAL B 48 36.76 4.66 5.34
N ASN B 49 36.02 4.85 6.42
CA ASN B 49 35.60 6.19 6.87
C ASN B 49 34.84 6.97 5.81
N GLN B 50 33.81 6.30 5.22
CA GLN B 50 33.02 6.99 4.23
C GLN B 50 31.53 6.66 4.31
N ARG B 51 30.76 7.67 3.89
CA ARG B 51 29.30 7.51 3.75
C ARG B 51 28.91 8.30 2.50
N GLU B 52 27.85 7.86 1.80
CA GLU B 52 27.36 8.54 0.63
C GLU B 52 25.83 8.67 0.71
N SER B 53 25.31 9.81 0.32
CA SER B 53 23.84 9.99 0.30
C SER B 53 23.30 9.47 -1.01
N ILE B 54 22.07 8.97 -0.97
CA ILE B 54 21.45 8.38 -2.17
C ILE B 54 20.32 9.32 -2.58
N PRO B 55 20.38 9.93 -3.76
CA PRO B 55 19.42 10.94 -4.15
C PRO B 55 17.96 10.47 -4.13
N SER B 56 17.73 9.24 -4.60
CA SER B 56 16.33 8.79 -4.61
C SER B 56 15.90 8.08 -3.36
N MET B 57 16.68 8.03 -2.29
CA MET B 57 16.28 7.46 -1.00
C MET B 57 16.74 8.44 0.08
N PRO B 58 16.03 9.55 0.22
CA PRO B 58 16.39 10.58 1.18
C PRO B 58 16.51 9.99 2.57
N GLY B 59 17.59 10.32 3.27
CA GLY B 59 17.84 9.85 4.62
C GLY B 59 18.59 8.54 4.72
N VAL B 60 18.75 7.81 3.61
CA VAL B 60 19.44 6.52 3.64
C VAL B 60 20.87 6.75 3.14
N GLU B 61 21.84 6.05 3.69
CA GLU B 61 23.23 6.27 3.34
C GLU B 61 23.94 4.95 3.01
N ARG B 62 24.87 5.02 2.08
CA ARG B 62 25.76 3.87 1.83
C ARG B 62 26.84 3.99 2.90
N LEU B 63 27.23 2.92 3.59
CA LEU B 63 28.19 3.03 4.69
C LEU B 63 29.42 2.16 4.54
N SER B 64 30.62 2.71 4.78
CA SER B 64 31.78 1.78 4.80
C SER B 64 31.63 0.90 6.03
N ILE B 65 32.37 -0.21 6.16
CA ILE B 65 32.17 -1.16 7.27
C ILE B 65 32.46 -0.58 8.62
N ASP B 66 33.49 0.32 8.77
CA ASP B 66 33.68 0.93 10.08
C ASP B 66 32.51 1.81 10.51
N GLN B 67 31.87 2.47 9.53
CA GLN B 67 30.69 3.28 9.80
C GLN B 67 29.46 2.43 10.13
N LEU B 68 29.38 1.30 9.44
CA LEU B 68 28.34 0.31 9.66
C LEU B 68 28.42 -0.19 11.09
N LEU B 69 29.65 -0.49 11.59
CA LEU B 69 29.78 -0.94 12.96
C LEU B 69 29.34 0.13 13.96
N ILE B 70 29.66 1.39 13.70
CA ILE B 70 29.22 2.49 14.58
C ILE B 70 27.70 2.58 14.62
N GLU B 71 27.04 2.55 13.45
CA GLU B 71 25.59 2.64 13.43
C GLU B 71 24.93 1.41 14.02
N ALA B 72 25.55 0.25 13.90
CA ALA B 72 24.97 -0.98 14.42
C ALA B 72 24.92 -0.98 15.94
N GLU B 73 25.80 -0.22 16.61
CA GLU B 73 25.71 -0.13 18.06
C GLU B 73 24.35 0.39 18.49
N GLU B 74 23.82 1.39 17.79
CA GLU B 74 22.51 1.98 18.08
C GLU B 74 21.40 1.06 17.57
N TRP B 75 21.58 0.41 16.42
CA TRP B 75 20.53 -0.54 16.00
C TRP B 75 20.35 -1.66 17.01
N VAL B 76 21.43 -2.18 17.59
CA VAL B 76 21.40 -3.23 18.59
C VAL B 76 20.81 -2.69 19.88
N ALA B 77 21.20 -1.49 20.30
CA ALA B 77 20.58 -0.92 21.52
C ALA B 77 19.07 -0.74 21.39
N LEU B 78 18.53 -0.50 20.22
CA LEU B 78 17.10 -0.32 19.94
C LEU B 78 16.38 -1.65 19.87
N GLY B 79 17.12 -2.75 19.78
CA GLY B 79 16.57 -4.09 19.76
C GLY B 79 16.30 -4.63 18.37
N ILE B 80 16.78 -3.99 17.31
CA ILE B 80 16.49 -4.54 15.96
C ILE B 80 17.11 -5.92 15.87
N PRO B 81 16.38 -6.96 15.48
CA PRO B 81 16.91 -8.30 15.47
C PRO B 81 17.90 -8.64 14.36
N ALA B 82 17.74 -8.07 13.18
CA ALA B 82 18.63 -8.44 12.09
C ALA B 82 18.83 -7.33 11.07
N LEU B 83 19.91 -7.49 10.29
CA LEU B 83 20.20 -6.60 9.17
C LEU B 83 20.23 -7.42 7.87
N ALA B 84 19.89 -6.83 6.75
CA ALA B 84 20.06 -7.48 5.44
C ALA B 84 21.13 -6.68 4.69
N LEU B 85 22.25 -7.33 4.39
CA LEU B 85 23.36 -6.57 3.78
C LEU B 85 23.31 -6.58 2.26
N PHE B 86 23.54 -5.41 1.69
CA PHE B 86 23.62 -5.25 0.24
C PHE B 86 24.89 -4.52 -0.13
N PRO B 87 25.90 -5.25 -0.58
CA PRO B 87 27.16 -4.61 -0.95
C PRO B 87 27.02 -3.75 -2.19
N VAL B 88 27.83 -2.69 -2.25
CA VAL B 88 27.89 -1.78 -3.41
C VAL B 88 29.21 -2.11 -4.12
N THR B 89 29.13 -3.00 -5.09
CA THR B 89 30.36 -3.50 -5.72
C THR B 89 31.06 -2.49 -6.59
N PRO B 90 32.38 -2.30 -6.37
CA PRO B 90 33.14 -1.38 -7.21
C PRO B 90 33.12 -1.96 -8.63
N VAL B 91 33.01 -1.10 -9.64
CA VAL B 91 32.94 -1.58 -11.02
C VAL B 91 34.12 -2.43 -11.43
N GLU B 92 35.32 -2.21 -10.90
CA GLU B 92 36.49 -3.00 -11.27
C GLU B 92 36.50 -4.41 -10.69
N LYS B 93 35.50 -4.76 -9.90
CA LYS B 93 35.36 -6.07 -9.29
C LYS B 93 34.29 -6.87 -10.02
N LYS B 94 33.54 -6.23 -10.90
CA LYS B 94 32.50 -6.91 -11.66
C LYS B 94 33.21 -7.65 -12.80
N SER B 95 32.81 -8.89 -13.05
CA SER B 95 33.47 -9.66 -14.09
C SER B 95 32.43 -10.47 -14.86
N LEU B 96 32.94 -11.41 -15.66
CA LEU B 96 32.04 -12.28 -16.42
C LEU B 96 31.80 -13.54 -15.61
N ASP B 97 32.81 -13.96 -14.85
CA ASP B 97 32.70 -15.18 -14.07
C ASP B 97 32.15 -14.96 -12.66
N ALA B 98 31.91 -13.71 -12.28
CA ALA B 98 31.39 -13.35 -10.96
C ALA B 98 32.13 -13.93 -9.79
N ALA B 99 33.45 -14.12 -9.90
CA ALA B 99 34.26 -14.64 -8.81
C ALA B 99 34.09 -13.80 -7.54
N GLU B 100 33.86 -12.49 -7.64
CA GLU B 100 33.69 -11.62 -6.47
C GLU B 100 32.53 -12.05 -5.57
N ALA B 101 31.52 -12.72 -6.10
CA ALA B 101 30.42 -13.24 -5.29
C ALA B 101 30.86 -14.16 -4.16
N TYR B 102 31.89 -15.00 -4.37
CA TYR B 102 32.38 -15.92 -3.36
C TYR B 102 33.77 -15.55 -2.82
N ASN B 103 34.25 -14.36 -3.13
CA ASN B 103 35.52 -13.91 -2.55
C ASN B 103 35.34 -13.77 -1.05
N PRO B 104 36.17 -14.41 -0.23
CA PRO B 104 36.15 -14.31 1.20
C PRO B 104 36.50 -12.92 1.70
N GLU B 105 37.05 -12.09 0.82
CA GLU B 105 37.35 -10.70 1.06
C GLU B 105 36.41 -9.73 0.33
N GLY B 106 35.27 -10.23 -0.15
CA GLY B 106 34.29 -9.35 -0.82
C GLY B 106 33.62 -8.53 0.28
N ILE B 107 32.96 -7.44 -0.12
CA ILE B 107 32.32 -6.57 0.90
C ILE B 107 31.39 -7.39 1.79
N ALA B 108 30.49 -8.18 1.22
CA ALA B 108 29.52 -8.90 2.05
C ALA B 108 30.18 -9.78 3.09
N GLN B 109 31.17 -10.59 2.69
CA GLN B 109 31.90 -11.44 3.59
C GLN B 109 32.65 -10.67 4.66
N ARG B 110 33.36 -9.59 4.29
CA ARG B 110 34.03 -8.79 5.30
C ARG B 110 33.05 -8.14 6.29
N ALA B 111 31.96 -7.60 5.75
CA ALA B 111 30.95 -6.97 6.63
C ALA B 111 30.36 -8.01 7.58
N THR B 112 30.01 -9.19 7.05
CA THR B 112 29.44 -10.19 7.97
C THR B 112 30.47 -10.66 8.99
N ARG B 113 31.76 -10.86 8.67
CA ARG B 113 32.67 -11.24 9.75
C ARG B 113 32.81 -10.15 10.81
N ALA B 114 32.88 -8.89 10.40
CA ALA B 114 32.99 -7.79 11.35
C ALA B 114 31.79 -7.72 12.29
N LEU B 115 30.58 -7.79 11.71
CA LEU B 115 29.39 -7.71 12.54
C LEU B 115 29.20 -8.92 13.44
N ARG B 116 29.49 -10.15 12.97
CA ARG B 116 29.30 -11.33 13.79
C ARG B 116 30.27 -11.31 14.98
N GLU B 117 31.47 -10.72 14.76
CA GLU B 117 32.39 -10.65 15.88
C GLU B 117 32.04 -9.60 16.90
N ARG B 118 31.59 -8.41 16.49
CA ARG B 118 31.27 -7.34 17.41
C ARG B 118 29.92 -7.47 18.09
N PHE B 119 28.93 -7.99 17.37
CA PHE B 119 27.56 -8.13 17.89
C PHE B 119 27.06 -9.54 17.66
N PRO B 120 27.50 -10.50 18.47
CA PRO B 120 27.21 -11.90 18.30
C PRO B 120 25.74 -12.29 18.25
N GLU B 121 24.86 -11.52 18.84
CA GLU B 121 23.42 -11.87 18.83
C GLU B 121 22.69 -11.21 17.68
N LEU B 122 23.31 -10.30 16.95
CA LEU B 122 22.61 -9.67 15.82
C LEU B 122 22.50 -10.58 14.63
N GLY B 123 21.30 -10.73 14.04
CA GLY B 123 21.19 -11.60 12.86
C GLY B 123 21.66 -10.88 11.58
N ILE B 124 22.38 -11.62 10.76
CA ILE B 124 22.85 -11.10 9.46
C ILE B 124 22.25 -11.94 8.35
N ILE B 125 21.55 -11.30 7.43
CA ILE B 125 20.94 -11.94 6.26
C ILE B 125 21.71 -11.45 5.03
N THR B 126 22.42 -12.37 4.37
CA THR B 126 23.16 -11.99 3.17
C THR B 126 22.35 -12.21 1.91
N ASP B 127 22.75 -11.50 0.87
CA ASP B 127 22.07 -11.57 -0.44
C ASP B 127 22.79 -12.52 -1.36
N VAL B 128 22.12 -13.59 -1.79
CA VAL B 128 22.71 -14.59 -2.70
C VAL B 128 22.13 -14.32 -4.08
N ALA B 129 22.99 -13.81 -4.94
CA ALA B 129 22.62 -13.40 -6.28
C ALA B 129 23.89 -13.01 -7.03
N LEU B 130 23.88 -13.14 -8.36
CA LEU B 130 25.06 -12.86 -9.14
C LEU B 130 25.06 -11.52 -9.86
N ASP B 131 23.92 -10.83 -9.86
CA ASP B 131 23.77 -9.56 -10.52
C ASP B 131 24.65 -8.43 -10.01
N PRO B 132 24.91 -8.27 -8.73
CA PRO B 132 25.79 -7.24 -8.23
C PRO B 132 27.25 -7.44 -8.63
N PHE B 133 27.62 -8.59 -9.15
CA PHE B 133 28.98 -8.98 -9.46
C PHE B 133 29.30 -9.24 -10.93
N THR B 134 28.31 -9.16 -11.80
CA THR B 134 28.58 -9.40 -13.21
C THR B 134 28.71 -8.07 -13.94
N THR B 135 29.58 -8.00 -14.94
CA THR B 135 29.72 -6.76 -15.70
C THR B 135 28.42 -6.34 -16.36
N HIS B 136 27.72 -7.31 -16.96
CA HIS B 136 26.46 -7.06 -17.65
C HIS B 136 25.33 -6.75 -16.68
N GLY B 137 25.39 -7.28 -15.46
CA GLY B 137 24.35 -7.00 -14.47
C GLY B 137 23.24 -8.04 -14.51
N GLN B 138 23.44 -9.12 -15.27
CA GLN B 138 22.43 -10.18 -15.29
C GLN B 138 22.74 -11.14 -14.15
N ASP B 139 21.70 -11.75 -13.60
CA ASP B 139 21.84 -12.69 -12.49
C ASP B 139 22.14 -14.09 -13.00
N GLY B 140 23.34 -14.27 -13.53
CA GLY B 140 23.81 -15.55 -14.05
C GLY B 140 24.98 -15.34 -15.00
N ILE B 141 25.74 -16.42 -15.21
CA ILE B 141 26.88 -16.41 -16.13
C ILE B 141 26.40 -16.76 -17.52
N LEU B 142 26.72 -15.95 -18.53
CA LEU B 142 26.22 -16.20 -19.89
C LEU B 142 27.20 -16.94 -20.78
N ASP B 143 26.66 -17.65 -21.77
CA ASP B 143 27.49 -18.37 -22.75
C ASP B 143 27.87 -17.39 -23.86
N ASP B 144 28.54 -17.82 -24.92
CA ASP B 144 28.92 -16.94 -26.01
C ASP B 144 27.83 -16.07 -26.61
N ASP B 145 26.60 -16.56 -26.75
CA ASP B 145 25.52 -15.77 -27.34
C ASP B 145 24.73 -14.91 -26.37
N GLY B 146 25.00 -15.02 -25.07
CA GLY B 146 24.32 -14.21 -24.07
C GLY B 146 23.25 -14.96 -23.32
N TYR B 147 23.26 -16.29 -23.41
CA TYR B 147 22.24 -17.09 -22.72
C TYR B 147 22.79 -17.74 -21.47
N VAL B 148 21.93 -17.76 -20.45
CA VAL B 148 22.30 -18.30 -19.14
C VAL B 148 22.66 -19.78 -19.17
N LEU B 149 23.86 -19.99 -18.68
CA LEU B 149 24.45 -21.31 -18.42
C LEU B 149 24.09 -21.51 -16.94
N ASN B 150 23.25 -22.46 -16.58
CA ASN B 150 22.72 -22.54 -15.23
C ASN B 150 23.47 -23.19 -14.09
N ASP B 151 24.28 -24.19 -14.41
CA ASP B 151 25.05 -24.98 -13.45
C ASP B 151 26.39 -24.33 -13.17
N VAL B 152 26.83 -23.52 -14.12
CA VAL B 152 28.02 -22.69 -13.94
C VAL B 152 27.56 -21.62 -12.94
N SER B 153 26.37 -21.07 -13.22
CA SER B 153 25.77 -20.05 -12.35
C SER B 153 25.37 -20.64 -11.01
N ILE B 154 24.67 -21.77 -10.99
CA ILE B 154 24.33 -22.45 -9.72
C ILE B 154 25.61 -22.71 -8.94
N ASP B 155 26.68 -23.16 -9.59
CA ASP B 155 27.98 -23.39 -8.98
C ASP B 155 28.53 -22.16 -8.25
N VAL B 156 28.52 -21.00 -8.91
CA VAL B 156 29.04 -19.78 -8.25
C VAL B 156 28.10 -19.36 -7.12
N LEU B 157 26.79 -19.43 -7.31
CA LEU B 157 25.86 -19.14 -6.23
C LEU B 157 26.06 -20.02 -5.02
N VAL B 158 26.36 -21.30 -5.22
CA VAL B 158 26.61 -22.21 -4.12
C VAL B 158 27.93 -21.80 -3.45
N ARG B 159 28.93 -21.44 -4.26
CA ARG B 159 30.18 -20.97 -3.64
C ARG B 159 29.85 -19.69 -2.85
N GLN B 160 29.00 -18.85 -3.43
CA GLN B 160 28.59 -17.61 -2.76
C GLN B 160 27.92 -17.90 -1.43
N ALA B 161 26.86 -18.71 -1.43
CA ALA B 161 26.18 -19.05 -0.17
C ALA B 161 27.12 -19.68 0.83
N LEU B 162 27.98 -20.63 0.39
CA LEU B 162 28.94 -21.23 1.31
C LEU B 162 29.92 -20.19 1.85
N SER B 163 30.34 -19.22 1.03
CA SER B 163 31.25 -18.18 1.51
C SER B 163 30.57 -17.32 2.57
N HIS B 164 29.26 -17.10 2.38
CA HIS B 164 28.50 -16.35 3.39
C HIS B 164 28.41 -17.12 4.68
N ALA B 165 28.10 -18.43 4.58
CA ALA B 165 28.05 -19.29 5.74
C ALA B 165 29.41 -19.33 6.43
N GLU B 166 30.50 -19.42 5.67
CA GLU B 166 31.84 -19.40 6.26
C GLU B 166 32.16 -18.11 6.98
N ALA B 167 31.62 -16.97 6.51
CA ALA B 167 31.85 -15.69 7.18
C ALA B 167 31.04 -15.53 8.45
N GLY B 168 30.08 -16.42 8.73
CA GLY B 168 29.27 -16.42 9.91
C GLY B 168 27.80 -16.02 9.69
N ALA B 169 27.40 -15.84 8.44
CA ALA B 169 25.98 -15.44 8.25
C ALA B 169 25.03 -16.49 8.78
N GLN B 170 24.00 -16.07 9.51
CA GLN B 170 23.01 -17.01 10.05
C GLN B 170 21.90 -17.28 9.04
N VAL B 171 21.70 -16.37 8.11
CA VAL B 171 20.65 -16.49 7.09
C VAL B 171 21.17 -16.10 5.71
N VAL B 172 20.84 -16.87 4.67
CA VAL B 172 21.19 -16.51 3.31
C VAL B 172 19.87 -16.30 2.54
N ALA B 173 19.85 -15.32 1.65
CA ALA B 173 18.59 -15.05 0.97
C ALA B 173 18.71 -15.02 -0.53
N PRO B 174 18.35 -16.14 -1.16
CA PRO B 174 18.39 -16.20 -2.63
C PRO B 174 17.32 -15.19 -3.05
N SER B 175 17.76 -14.01 -3.47
CA SER B 175 17.00 -12.84 -3.84
C SER B 175 16.63 -12.74 -5.31
N ASP B 176 17.08 -13.79 -5.96
CA ASP B 176 16.87 -14.12 -7.34
C ASP B 176 15.40 -14.54 -7.48
N MET B 177 14.98 -14.79 -8.70
CA MET B 177 13.63 -15.34 -8.89
C MET B 177 13.84 -16.50 -9.87
N MET B 178 14.61 -17.49 -9.43
CA MET B 178 14.91 -18.63 -10.28
C MET B 178 14.49 -19.94 -9.62
N ASP B 179 14.55 -20.99 -10.42
CA ASP B 179 14.21 -22.34 -9.96
C ASP B 179 15.46 -23.22 -9.92
N GLY B 180 15.66 -23.97 -8.84
CA GLY B 180 16.79 -24.85 -8.66
C GLY B 180 17.80 -24.38 -7.61
N ARG B 181 17.90 -23.08 -7.44
CA ARG B 181 18.81 -22.44 -6.52
C ARG B 181 18.52 -22.75 -5.06
N ILE B 182 17.28 -22.65 -4.60
CA ILE B 182 16.99 -22.91 -3.18
C ILE B 182 17.45 -24.32 -2.80
N GLY B 183 17.08 -25.31 -3.61
CA GLY B 183 17.46 -26.69 -3.35
C GLY B 183 18.96 -26.91 -3.40
N ALA B 184 19.65 -26.36 -4.40
CA ALA B 184 21.09 -26.52 -4.51
C ALA B 184 21.79 -25.89 -3.32
N ILE B 185 21.35 -24.69 -2.94
CA ILE B 185 21.95 -24.03 -1.77
C ILE B 185 21.64 -24.82 -0.51
N ARG B 186 20.37 -25.23 -0.35
CA ARG B 186 20.00 -26.01 0.83
C ARG B 186 20.86 -27.26 0.93
N GLU B 187 20.93 -27.99 -0.18
CA GLU B 187 21.72 -29.21 -0.27
C GLU B 187 23.20 -28.98 0.01
N ALA B 188 23.79 -27.93 -0.57
CA ALA B 188 25.19 -27.60 -0.36
C ALA B 188 25.51 -27.20 1.07
N LEU B 189 24.65 -26.40 1.71
CA LEU B 189 24.86 -26.02 3.10
C LEU B 189 24.86 -27.26 3.99
N GLU B 190 23.87 -28.13 3.84
CA GLU B 190 23.80 -29.36 4.63
C GLU B 190 25.05 -30.22 4.40
N SER B 191 25.35 -30.40 3.12
CA SER B 191 26.49 -31.18 2.68
C SER B 191 27.80 -30.70 3.29
N ALA B 192 27.98 -29.39 3.43
CA ALA B 192 29.16 -28.77 3.98
C ALA B 192 29.15 -28.62 5.49
N GLY B 193 28.10 -29.04 6.20
CA GLY B 193 28.09 -28.94 7.65
C GLY B 193 27.48 -27.68 8.21
N HIS B 194 26.95 -26.81 7.33
CA HIS B 194 26.30 -25.58 7.82
C HIS B 194 24.81 -25.85 8.00
N THR B 195 24.48 -26.80 8.87
CA THR B 195 23.14 -27.29 9.12
C THR B 195 22.18 -26.28 9.75
N ASN B 196 22.66 -25.23 10.42
CA ASN B 196 21.72 -24.28 11.00
C ASN B 196 21.66 -22.97 10.21
N VAL B 197 22.32 -22.87 9.06
CA VAL B 197 22.18 -21.63 8.29
C VAL B 197 20.77 -21.64 7.72
N ARG B 198 20.02 -20.56 7.92
CA ARG B 198 18.66 -20.50 7.41
C ARG B 198 18.62 -19.94 6.00
N ILE B 199 17.58 -20.35 5.25
CA ILE B 199 17.41 -19.86 3.87
C ILE B 199 16.11 -19.06 3.83
N MET B 200 16.23 -17.77 3.56
CA MET B 200 15.06 -16.89 3.48
C MET B 200 14.81 -16.66 1.99
N ALA B 201 13.84 -17.37 1.42
CA ALA B 201 13.58 -17.24 0.00
C ALA B 201 12.75 -16.04 -0.41
N TYR B 202 13.15 -15.42 -1.51
CA TYR B 202 12.36 -14.30 -2.08
C TYR B 202 11.37 -15.07 -2.97
N SER B 203 10.25 -15.42 -2.36
CA SER B 203 9.35 -16.39 -3.02
C SER B 203 8.42 -15.77 -4.05
N ALA B 204 7.62 -14.81 -3.63
CA ALA B 204 6.72 -14.15 -4.55
C ALA B 204 7.34 -12.76 -4.81
N LYS B 205 8.15 -12.65 -5.83
CA LYS B 205 8.86 -11.39 -6.13
C LYS B 205 8.38 -10.90 -7.49
N TYR B 206 7.74 -9.74 -7.50
CA TYR B 206 7.12 -9.20 -8.69
C TYR B 206 7.96 -8.29 -9.56
N ALA B 207 7.62 -8.29 -10.84
CA ALA B 207 8.27 -7.39 -11.82
C ALA B 207 7.66 -6.03 -11.53
N SER B 208 8.34 -5.14 -10.83
CA SER B 208 7.73 -3.93 -10.33
C SER B 208 8.49 -2.65 -10.55
N ALA B 209 7.75 -1.55 -10.65
CA ALA B 209 8.38 -0.22 -10.78
C ALA B 209 8.86 0.29 -9.43
N TYR B 210 8.47 -0.37 -8.33
CA TYR B 210 8.86 0.12 -7.00
C TYR B 210 10.32 -0.10 -6.66
N TYR B 211 11.10 -0.83 -7.46
CA TYR B 211 12.51 -1.03 -7.15
C TYR B 211 13.43 0.09 -7.66
N GLY B 212 12.89 1.08 -8.31
CA GLY B 212 13.69 2.17 -8.88
C GLY B 212 14.87 2.65 -8.05
N PRO B 213 14.61 3.21 -6.88
CA PRO B 213 15.65 3.77 -6.02
C PRO B 213 16.74 2.79 -5.61
N PHE B 214 16.44 1.51 -5.44
CA PHE B 214 17.42 0.49 -5.09
C PHE B 214 18.53 0.42 -6.13
N ARG B 215 18.24 0.54 -7.42
CA ARG B 215 19.24 0.50 -8.47
C ARG B 215 20.23 1.64 -8.30
N ASP B 216 19.74 2.81 -7.85
CA ASP B 216 20.61 3.94 -7.54
C ASP B 216 21.48 3.62 -6.33
N ALA B 217 20.90 3.00 -5.30
CA ALA B 217 21.64 2.71 -4.08
C ALA B 217 22.78 1.73 -4.29
N VAL B 218 22.55 0.67 -5.06
CA VAL B 218 23.61 -0.33 -5.23
C VAL B 218 24.50 -0.09 -6.43
N GLY B 219 24.16 0.86 -7.28
CA GLY B 219 24.96 1.16 -8.45
C GLY B 219 24.69 0.23 -9.63
N SER B 220 23.45 -0.17 -9.85
CA SER B 220 23.15 -1.02 -11.01
C SER B 220 22.23 -0.26 -11.97
N THR B 231 10.73 -11.91 -17.76
CA THR B 231 10.79 -13.35 -17.92
C THR B 231 11.09 -14.09 -16.63
N TYR B 232 11.40 -13.36 -15.54
CA TYR B 232 11.65 -14.15 -14.32
C TYR B 232 10.97 -13.54 -13.11
N GLN B 233 10.61 -12.26 -13.16
CA GLN B 233 9.91 -11.73 -11.99
C GLN B 233 8.42 -11.84 -12.29
N MET B 234 7.61 -11.99 -11.23
CA MET B 234 6.19 -12.25 -11.42
C MET B 234 5.38 -11.11 -11.98
N ASP B 235 4.36 -11.42 -12.78
CA ASP B 235 3.43 -10.42 -13.28
C ASP B 235 2.59 -9.87 -12.13
N PRO B 236 2.56 -8.57 -11.90
CA PRO B 236 1.74 -7.94 -10.87
C PRO B 236 0.27 -8.34 -10.90
N ALA B 237 -0.28 -8.73 -12.05
CA ALA B 237 -1.69 -9.13 -12.11
C ALA B 237 -1.95 -10.45 -11.38
N ASN B 238 -0.94 -11.26 -11.13
CA ASN B 238 -1.19 -12.64 -10.64
C ASN B 238 -1.08 -12.82 -9.15
N SER B 239 -2.05 -13.56 -8.61
CA SER B 239 -2.13 -13.84 -7.18
C SER B 239 -2.04 -15.34 -6.87
N ASP B 240 -2.83 -16.12 -7.63
CA ASP B 240 -2.74 -17.59 -7.44
C ASP B 240 -1.33 -18.05 -7.72
N GLU B 241 -0.63 -17.51 -8.73
CA GLU B 241 0.71 -17.87 -9.06
C GLU B 241 1.66 -17.71 -7.88
N ALA B 242 1.42 -16.73 -6.98
CA ALA B 242 2.30 -16.54 -5.85
C ALA B 242 2.24 -17.71 -4.87
N LEU B 243 1.08 -18.31 -4.72
CA LEU B 243 0.95 -19.48 -3.84
C LEU B 243 1.75 -20.66 -4.39
N HIS B 244 1.79 -20.86 -5.68
CA HIS B 244 2.60 -21.91 -6.28
C HIS B 244 4.09 -21.64 -6.10
N GLU B 245 4.48 -20.37 -6.18
CA GLU B 245 5.87 -19.99 -5.96
C GLU B 245 6.32 -20.28 -4.53
N VAL B 246 5.50 -19.93 -3.55
CA VAL B 246 5.80 -20.17 -2.14
C VAL B 246 5.80 -21.65 -1.83
N ALA B 247 4.86 -22.40 -2.41
CA ALA B 247 4.83 -23.84 -2.17
C ALA B 247 6.12 -24.48 -2.66
N ALA B 248 6.62 -24.06 -3.82
CA ALA B 248 7.84 -24.68 -4.34
C ALA B 248 9.04 -24.36 -3.45
N ASP B 249 9.12 -23.13 -2.96
CA ASP B 249 10.26 -22.79 -2.07
C ASP B 249 10.20 -23.56 -0.77
N LEU B 250 8.98 -23.72 -0.24
CA LEU B 250 8.82 -24.49 1.00
C LEU B 250 9.27 -25.93 0.74
N ALA B 251 8.85 -26.52 -0.37
CA ALA B 251 9.21 -27.91 -0.70
C ALA B 251 10.71 -28.08 -0.86
N GLU B 252 11.39 -27.07 -1.36
CA GLU B 252 12.83 -27.07 -1.53
C GLU B 252 13.61 -26.78 -0.26
N GLY B 253 12.97 -26.49 0.86
CA GLY B 253 13.70 -26.34 2.11
C GLY B 253 13.85 -24.94 2.64
N ALA B 254 13.12 -23.98 2.07
CA ALA B 254 13.23 -22.63 2.65
C ALA B 254 12.77 -22.64 4.10
N ASP B 255 13.43 -21.86 4.97
CA ASP B 255 13.07 -21.76 6.37
C ASP B 255 12.06 -20.62 6.60
N MET B 256 12.13 -19.63 5.72
CA MET B 256 11.25 -18.48 5.75
C MET B 256 10.97 -18.06 4.29
N VAL B 257 9.79 -17.50 4.05
CA VAL B 257 9.41 -17.13 2.68
C VAL B 257 9.05 -15.65 2.64
N MET B 258 9.35 -14.97 1.53
CA MET B 258 9.09 -13.53 1.50
C MET B 258 8.31 -13.11 0.26
N VAL B 259 7.51 -12.07 0.44
CA VAL B 259 6.75 -11.40 -0.61
C VAL B 259 7.45 -10.05 -0.89
N LYS B 260 7.60 -9.68 -2.14
CA LYS B 260 8.27 -8.41 -2.46
C LYS B 260 7.79 -7.91 -3.81
N PRO B 261 7.53 -6.64 -4.00
CA PRO B 261 7.43 -5.60 -3.00
C PRO B 261 6.36 -5.89 -1.97
N GLY B 262 6.06 -4.91 -1.10
CA GLY B 262 5.30 -5.11 0.10
C GLY B 262 3.91 -4.57 0.18
N MET B 263 3.81 -3.27 0.45
CA MET B 263 2.47 -2.66 0.57
C MET B 263 1.60 -2.79 -0.65
N PRO B 264 2.14 -2.71 -1.87
CA PRO B 264 1.35 -2.90 -3.07
C PRO B 264 0.89 -4.34 -3.23
N TYR B 265 1.37 -5.27 -2.43
CA TYR B 265 1.07 -6.70 -2.49
C TYR B 265 0.55 -7.23 -1.16
N LEU B 266 -0.07 -6.41 -0.30
CA LEU B 266 -0.55 -6.90 0.99
C LEU B 266 -1.57 -8.03 0.90
N ASP B 267 -2.35 -8.11 -0.17
CA ASP B 267 -3.30 -9.19 -0.36
C ASP B 267 -2.53 -10.52 -0.52
N ILE B 268 -1.36 -10.44 -1.13
CA ILE B 268 -0.51 -11.63 -1.30
C ILE B 268 0.03 -12.07 0.05
N VAL B 269 0.47 -11.12 0.88
CA VAL B 269 0.92 -11.50 2.21
C VAL B 269 -0.18 -12.28 2.94
N ARG B 270 -1.42 -11.75 2.91
CA ARG B 270 -2.54 -12.38 3.58
C ARG B 270 -2.80 -13.80 3.04
N ARG B 271 -2.80 -13.95 1.71
CA ARG B 271 -3.05 -15.28 1.15
C ARG B 271 -1.92 -16.26 1.51
N VAL B 272 -0.68 -15.78 1.44
CA VAL B 272 0.47 -16.67 1.75
C VAL B 272 0.44 -17.14 3.20
N LYS B 273 0.21 -16.27 4.17
CA LYS B 273 0.15 -16.67 5.57
C LYS B 273 -1.01 -17.65 5.79
N ASP B 274 -2.19 -17.32 5.22
CA ASP B 274 -3.35 -18.19 5.39
C ASP B 274 -3.16 -19.56 4.78
N GLU B 275 -2.54 -19.61 3.61
CA GLU B 275 -2.41 -20.91 2.93
C GLU B 275 -1.38 -21.83 3.56
N PHE B 276 -0.23 -21.30 3.98
CA PHE B 276 0.88 -22.14 4.39
C PHE B 276 1.18 -22.10 5.88
N ARG B 277 0.75 -21.05 6.56
CA ARG B 277 1.03 -20.95 8.00
C ARG B 277 2.51 -21.13 8.32
N ALA B 278 3.37 -20.52 7.51
CA ALA B 278 4.82 -20.65 7.66
C ALA B 278 5.40 -19.26 7.96
N PRO B 279 6.66 -19.17 8.35
CA PRO B 279 7.26 -17.87 8.70
C PRO B 279 7.29 -17.01 7.45
N THR B 280 6.52 -15.90 7.50
CA THR B 280 6.32 -15.09 6.29
C THR B 280 6.86 -13.69 6.47
N PHE B 281 7.67 -13.26 5.50
CA PHE B 281 8.35 -11.98 5.54
C PHE B 281 7.92 -11.12 4.36
N VAL B 282 8.09 -9.81 4.50
CA VAL B 282 7.67 -8.89 3.45
C VAL B 282 8.66 -7.73 3.36
N TYR B 283 9.01 -7.38 2.13
CA TYR B 283 9.93 -6.28 1.90
C TYR B 283 9.25 -4.98 1.51
N GLN B 284 9.39 -3.96 2.38
CA GLN B 284 8.88 -2.62 2.05
C GLN B 284 10.01 -1.99 1.24
N VAL B 285 9.92 -2.08 -0.06
CA VAL B 285 11.05 -1.79 -0.94
C VAL B 285 11.39 -0.30 -1.02
N SER B 286 12.54 -0.06 -1.64
CA SER B 286 13.12 1.26 -1.81
C SER B 286 12.10 2.27 -2.33
N GLY B 287 11.32 1.92 -3.37
CA GLY B 287 10.31 2.88 -3.84
C GLY B 287 9.22 3.16 -2.83
N GLU B 288 8.82 2.18 -2.00
CA GLU B 288 7.80 2.42 -0.98
C GLU B 288 8.36 3.41 0.06
N TYR B 289 9.62 3.16 0.45
CA TYR B 289 10.28 4.07 1.39
C TYR B 289 10.38 5.47 0.77
N ALA B 290 10.86 5.57 -0.45
CA ALA B 290 11.03 6.85 -1.10
C ALA B 290 9.73 7.64 -1.22
N MET B 291 8.63 7.01 -1.67
CA MET B 291 7.35 7.70 -1.73
C MET B 291 6.92 8.30 -0.39
N HIS B 292 7.03 7.48 0.67
CA HIS B 292 6.61 7.90 1.99
C HIS B 292 7.49 9.06 2.48
N MET B 293 8.82 8.86 2.38
CA MET B 293 9.73 9.89 2.91
C MET B 293 9.60 11.17 2.13
N GLY B 294 9.47 11.15 0.81
CA GLY B 294 9.29 12.38 0.02
C GLY B 294 8.04 13.13 0.50
N ALA B 295 6.93 12.40 0.71
CA ALA B 295 5.70 13.03 1.15
C ALA B 295 5.79 13.59 2.57
N ILE B 296 6.52 12.90 3.46
CA ILE B 296 6.73 13.37 4.82
C ILE B 296 7.58 14.63 4.79
N GLN B 297 8.66 14.61 4.00
CA GLN B 297 9.52 15.79 3.91
C GLN B 297 8.85 16.99 3.26
N ASN B 298 7.91 16.76 2.34
CA ASN B 298 7.17 17.85 1.71
C ASN B 298 6.06 18.40 2.60
N GLY B 299 5.80 17.82 3.75
CA GLY B 299 4.74 18.23 4.65
C GLY B 299 3.36 17.74 4.18
N TRP B 300 3.32 16.77 3.27
CA TRP B 300 2.05 16.26 2.77
C TRP B 300 1.44 15.18 3.65
N LEU B 301 2.26 14.43 4.35
CA LEU B 301 1.86 13.35 5.22
C LEU B 301 2.59 13.49 6.56
N ALA B 302 1.89 13.23 7.64
CA ALA B 302 2.47 13.23 8.98
C ALA B 302 3.43 12.06 9.11
N GLU B 303 4.39 12.13 10.03
CA GLU B 303 5.28 10.98 10.18
C GLU B 303 4.62 9.77 10.81
N SER B 304 3.43 9.85 11.36
CA SER B 304 2.67 8.70 11.87
C SER B 304 2.35 7.69 10.77
N VAL B 305 2.44 8.09 9.51
CA VAL B 305 2.24 7.13 8.43
C VAL B 305 3.30 6.05 8.45
N ILE B 306 4.49 6.24 9.00
CA ILE B 306 5.49 5.16 9.00
C ILE B 306 4.99 4.00 9.82
N LEU B 307 4.52 4.27 11.04
CA LEU B 307 3.98 3.17 11.86
C LEU B 307 2.68 2.63 11.27
N GLU B 308 1.86 3.47 10.63
CA GLU B 308 0.62 2.96 10.02
C GLU B 308 0.97 1.96 8.93
N SER B 309 1.98 2.26 8.11
CA SER B 309 2.37 1.37 7.02
C SER B 309 2.95 0.06 7.54
N LEU B 310 3.63 0.12 8.69
CA LEU B 310 4.27 -1.08 9.21
C LEU B 310 3.25 -1.93 9.95
N THR B 311 2.27 -1.28 10.61
CA THR B 311 1.24 -2.12 11.25
C THR B 311 0.38 -2.80 10.19
N ALA B 312 0.24 -2.20 9.01
CA ALA B 312 -0.48 -2.91 7.95
C ALA B 312 0.18 -4.25 7.65
N PHE B 313 1.52 -4.33 7.59
CA PHE B 313 2.14 -5.62 7.33
C PHE B 313 1.81 -6.64 8.40
N LYS B 314 1.77 -6.23 9.67
CA LYS B 314 1.44 -7.21 10.71
C LYS B 314 -0.03 -7.66 10.57
N ARG B 315 -0.92 -6.70 10.32
CA ARG B 315 -2.36 -7.03 10.18
C ARG B 315 -2.55 -7.99 9.01
N ALA B 316 -1.83 -7.79 7.92
CA ALA B 316 -1.89 -8.60 6.71
C ALA B 316 -1.30 -9.99 6.90
N GLY B 317 -0.52 -10.24 7.96
CA GLY B 317 -0.03 -11.58 8.24
C GLY B 317 1.48 -11.78 8.23
N ALA B 318 2.26 -10.72 8.07
CA ALA B 318 3.72 -10.85 8.09
C ALA B 318 4.25 -11.05 9.50
N ASP B 319 5.27 -11.91 9.58
CA ASP B 319 5.98 -12.12 10.86
C ASP B 319 7.13 -11.10 10.95
N GLY B 320 7.80 -10.86 9.83
CA GLY B 320 8.93 -9.94 9.80
C GLY B 320 8.89 -9.04 8.57
N ILE B 321 9.43 -7.83 8.70
CA ILE B 321 9.36 -6.81 7.66
C ILE B 321 10.76 -6.23 7.39
N LEU B 322 11.18 -6.32 6.14
CA LEU B 322 12.47 -5.70 5.74
C LEU B 322 12.08 -4.27 5.39
N THR B 323 12.58 -3.28 6.15
CA THR B 323 12.16 -1.91 5.95
C THR B 323 13.28 -0.91 6.19
N TYR B 324 13.41 0.06 5.27
CA TYR B 324 14.45 1.10 5.49
C TYR B 324 14.09 2.04 6.62
N PHE B 325 12.84 2.01 7.09
CA PHE B 325 12.39 2.80 8.22
C PHE B 325 12.62 2.07 9.54
N ALA B 326 13.35 0.94 9.56
CA ALA B 326 13.49 0.21 10.82
C ALA B 326 14.00 1.03 11.98
N LYS B 327 15.04 1.85 11.81
CA LYS B 327 15.57 2.63 12.90
C LYS B 327 14.53 3.61 13.45
N GLN B 328 13.94 4.40 12.57
CA GLN B 328 12.90 5.36 12.99
C GLN B 328 11.77 4.68 13.73
N ALA B 329 11.25 3.59 13.15
CA ALA B 329 10.17 2.81 13.79
C ALA B 329 10.55 2.28 15.17
N ALA B 330 11.76 1.76 15.33
CA ALA B 330 12.20 1.23 16.62
C ALA B 330 12.27 2.38 17.64
N GLU B 331 12.74 3.55 17.17
CA GLU B 331 12.78 4.70 18.06
C GLU B 331 11.37 5.12 18.49
N GLN B 332 10.44 5.13 17.56
CA GLN B 332 9.06 5.50 17.85
C GLN B 332 8.44 4.47 18.80
N LEU B 333 8.61 3.18 18.55
CA LEU B 333 8.05 2.16 19.45
C LEU B 333 8.55 2.41 20.87
N ARG B 334 7.81 3.21 21.61
CA ARG B 334 8.06 3.69 22.96
C ARG B 334 6.79 4.38 23.48
N ARG B 335 6.34 5.36 22.71
CA ARG B 335 5.16 6.16 23.00
C ARG B 335 4.24 5.50 24.03
#